data_1VTX
#
_entry.id   1VTX
#
_cell.length_a   1.000
_cell.length_b   1.000
_cell.length_c   1.000
_cell.angle_alpha   90.00
_cell.angle_beta   90.00
_cell.angle_gamma   90.00
#
_symmetry.space_group_name_H-M   'P 1'
#
_entity_poly.entity_id   1
_entity_poly.type   'polypeptide(L)'
_entity_poly.pdbx_seq_one_letter_code
;CAKKRNWCGKTEDCCCPMKCVYAWYNEQGSCQSTISALWKKC
;
_entity_poly.pdbx_strand_id   A
#
# COMPACT_ATOMS: atom_id res chain seq x y z
N CYS A 1 1.97 5.04 -10.11
CA CYS A 1 1.10 4.49 -9.04
C CYS A 1 1.09 2.96 -9.11
N ALA A 2 0.58 2.34 -8.06
CA ALA A 2 0.50 0.88 -8.00
C ALA A 2 -0.91 0.45 -7.61
N LYS A 3 -1.23 -0.81 -7.86
CA LYS A 3 -2.55 -1.33 -7.54
C LYS A 3 -2.47 -2.22 -6.30
N LYS A 4 -3.61 -2.74 -5.87
CA LYS A 4 -3.66 -3.61 -4.69
C LYS A 4 -2.95 -4.92 -4.97
N ARG A 5 -2.27 -5.45 -3.96
CA ARG A 5 -1.55 -6.71 -4.09
C ARG A 5 -0.24 -6.49 -4.84
N ASN A 6 0.20 -5.24 -4.92
CA ASN A 6 1.43 -4.90 -5.61
C ASN A 6 2.59 -4.75 -4.62
N TRP A 7 3.66 -5.49 -4.86
CA TRP A 7 4.82 -5.44 -3.98
C TRP A 7 5.32 -4.01 -3.83
N CYS A 8 5.64 -3.62 -2.60
CA CYS A 8 6.12 -2.27 -2.32
C CYS A 8 7.63 -2.29 -2.12
N GLY A 9 8.27 -1.15 -2.36
CA GLY A 9 9.73 -1.03 -2.21
C GLY A 9 10.15 0.43 -2.23
N LYS A 10 11.05 0.76 -3.14
CA LYS A 10 11.55 2.13 -3.26
C LYS A 10 10.39 3.09 -3.52
N THR A 11 10.70 4.37 -3.67
CA THR A 11 9.69 5.39 -3.91
C THR A 11 8.82 5.00 -5.11
N GLU A 12 7.51 5.14 -4.96
CA GLU A 12 6.57 4.81 -6.03
C GLU A 12 5.16 5.22 -5.62
N ASP A 13 4.77 4.84 -4.41
CA ASP A 13 3.45 5.17 -3.89
C ASP A 13 2.38 4.34 -4.58
N CYS A 14 1.27 4.12 -3.87
CA CYS A 14 0.16 3.35 -4.42
C CYS A 14 -1.01 4.27 -4.74
N CYS A 15 -2.12 3.68 -5.16
CA CYS A 15 -3.30 4.45 -5.50
C CYS A 15 -4.28 4.48 -4.34
N CYS A 16 -4.31 5.60 -3.61
CA CYS A 16 -5.18 5.75 -2.46
C CYS A 16 -6.54 5.09 -2.72
N PRO A 17 -7.15 4.56 -1.65
CA PRO A 17 -6.60 4.61 -0.29
C PRO A 17 -5.49 3.58 -0.09
N MET A 18 -5.11 2.92 -1.17
CA MET A 18 -4.07 1.91 -1.11
C MET A 18 -2.75 2.52 -0.63
N LYS A 19 -2.18 1.92 0.41
CA LYS A 19 -0.91 2.40 0.97
C LYS A 19 0.03 1.22 1.20
N CYS A 20 1.33 1.46 1.00
CA CYS A 20 2.32 0.41 1.20
C CYS A 20 2.14 -0.24 2.57
N VAL A 21 1.87 -1.54 2.56
CA VAL A 21 1.66 -2.30 3.79
C VAL A 21 2.70 -3.42 3.90
N TYR A 22 2.75 -4.06 5.07
CA TYR A 22 3.69 -5.15 5.29
C TYR A 22 2.95 -6.47 5.47
N ALA A 23 3.56 -7.55 5.01
CA ALA A 23 2.96 -8.88 5.12
C ALA A 23 3.55 -9.63 6.32
N TRP A 24 4.46 -10.56 6.07
CA TRP A 24 5.09 -11.33 7.14
C TRP A 24 6.47 -11.78 6.69
N TYR A 25 6.52 -12.88 5.96
CA TYR A 25 7.78 -13.42 5.46
C TYR A 25 8.20 -12.67 4.19
N ASN A 26 7.45 -11.63 3.84
CA ASN A 26 7.73 -10.86 2.64
C ASN A 26 7.69 -9.37 2.96
N GLU A 27 8.78 -8.86 3.52
CA GLU A 27 8.86 -7.43 3.86
C GLU A 27 8.49 -6.58 2.65
N GLN A 28 8.60 -7.17 1.48
CA GLN A 28 8.27 -6.49 0.23
C GLN A 28 7.02 -5.63 0.42
N GLY A 29 6.11 -6.09 1.26
CA GLY A 29 4.87 -5.37 1.53
C GLY A 29 4.03 -5.26 0.26
N SER A 30 2.80 -4.81 0.40
CA SER A 30 1.90 -4.66 -0.74
C SER A 30 0.94 -3.50 -0.53
N CYS A 31 0.50 -2.92 -1.64
CA CYS A 31 -0.44 -1.80 -1.59
C CYS A 31 -1.82 -2.30 -1.21
N GLN A 32 -2.33 -1.80 -0.08
CA GLN A 32 -3.66 -2.19 0.39
C GLN A 32 -4.32 -1.04 1.13
N SER A 33 -5.60 -0.81 0.85
CA SER A 33 -6.36 0.26 1.48
C SER A 33 -6.25 0.15 2.99
N THR A 34 -5.56 1.10 3.60
CA THR A 34 -5.39 1.12 5.05
C THR A 34 -6.52 1.90 5.71
N ILE A 35 -6.79 1.55 6.97
CA ILE A 35 -7.85 2.22 7.72
C ILE A 35 -7.53 3.71 7.87
N SER A 36 -6.27 4.01 8.15
CA SER A 36 -5.84 5.39 8.31
C SER A 36 -6.04 6.14 7.00
N ALA A 37 -6.17 5.38 5.91
CA ALA A 37 -6.37 5.96 4.59
C ALA A 37 -7.67 6.75 4.56
N LEU A 38 -8.55 6.48 5.51
CA LEU A 38 -9.83 7.16 5.61
C LEU A 38 -9.60 8.64 5.84
N TRP A 39 -8.61 8.97 6.66
CA TRP A 39 -8.28 10.35 6.95
C TRP A 39 -7.87 11.07 5.67
N LYS A 40 -7.45 10.27 4.69
CA LYS A 40 -7.04 10.81 3.39
C LYS A 40 -7.83 10.14 2.28
N LYS A 41 -9.12 9.92 2.53
CA LYS A 41 -10.00 9.27 1.55
C LYS A 41 -9.61 9.67 0.14
N CYS A 42 -9.12 8.69 -0.62
CA CYS A 42 -8.70 8.92 -2.00
C CYS A 42 -9.77 9.72 -2.74
N CYS A 1 1.82 4.90 -10.31
CA CYS A 1 0.98 4.36 -9.23
C CYS A 1 1.02 2.84 -9.24
N ALA A 2 0.52 2.22 -8.17
CA ALA A 2 0.49 0.78 -8.06
C ALA A 2 -0.90 0.31 -7.66
N LYS A 3 -1.18 -0.97 -7.87
CA LYS A 3 -2.48 -1.54 -7.53
C LYS A 3 -2.36 -2.37 -6.25
N LYS A 4 -3.50 -2.86 -5.78
CA LYS A 4 -3.53 -3.67 -4.56
C LYS A 4 -2.84 -5.01 -4.80
N ARG A 5 -2.18 -5.53 -3.76
CA ARG A 5 -1.48 -6.81 -3.86
C ARG A 5 -0.17 -6.64 -4.62
N ASN A 6 0.23 -5.39 -4.84
CA ASN A 6 1.46 -5.09 -5.56
C ASN A 6 2.61 -4.91 -4.58
N TRP A 7 3.65 -5.72 -4.74
CA TRP A 7 4.82 -5.63 -3.87
C TRP A 7 5.34 -4.20 -3.81
N CYS A 8 5.52 -3.68 -2.60
CA CYS A 8 6.01 -2.32 -2.41
C CYS A 8 7.45 -2.21 -2.92
N GLY A 9 8.07 -1.06 -2.67
CA GLY A 9 9.44 -0.81 -3.09
C GLY A 9 9.58 0.62 -3.61
N LYS A 10 10.42 0.80 -4.62
CA LYS A 10 10.64 2.12 -5.20
C LYS A 10 9.33 2.65 -5.78
N THR A 11 8.91 2.10 -6.91
CA THR A 11 7.67 2.50 -7.57
C THR A 11 7.43 3.99 -7.36
N GLU A 12 6.16 4.40 -7.35
CA GLU A 12 5.81 5.79 -7.17
C GLU A 12 4.48 5.91 -6.43
N ASP A 13 4.47 5.49 -5.17
CA ASP A 13 3.27 5.56 -4.35
C ASP A 13 2.15 4.71 -4.95
N CYS A 14 1.28 4.19 -4.10
CA CYS A 14 0.16 3.36 -4.55
C CYS A 14 -1.03 4.25 -4.91
N CYS A 15 -2.14 3.63 -5.23
CA CYS A 15 -3.35 4.35 -5.61
C CYS A 15 -4.30 4.45 -4.42
N CYS A 16 -4.31 5.61 -3.77
CA CYS A 16 -5.16 5.84 -2.60
C CYS A 16 -6.52 5.18 -2.79
N PRO A 17 -7.12 4.71 -1.69
CA PRO A 17 -6.53 4.80 -0.36
C PRO A 17 -5.43 3.77 -0.12
N MET A 18 -5.05 3.06 -1.18
CA MET A 18 -4.01 2.05 -1.09
C MET A 18 -2.70 2.67 -0.63
N LYS A 19 -2.10 2.08 0.40
CA LYS A 19 -0.83 2.56 0.94
C LYS A 19 0.10 1.39 1.22
N CYS A 20 1.40 1.63 1.09
CA CYS A 20 2.40 0.60 1.34
C CYS A 20 2.13 -0.09 2.66
N VAL A 21 1.70 -1.34 2.60
CA VAL A 21 1.39 -2.12 3.79
C VAL A 21 2.42 -3.25 3.96
N TYR A 22 2.43 -3.86 5.13
CA TYR A 22 3.36 -4.94 5.43
C TYR A 22 2.65 -6.28 5.34
N ALA A 23 3.42 -7.35 5.17
CA ALA A 23 2.85 -8.69 5.07
C ALA A 23 3.36 -9.56 6.22
N TRP A 24 4.27 -10.48 5.92
CA TRP A 24 4.83 -11.37 6.94
C TRP A 24 6.21 -11.84 6.51
N TYR A 25 6.24 -12.84 5.62
CA TYR A 25 7.48 -13.39 5.12
C TYR A 25 7.97 -12.59 3.91
N ASN A 26 7.41 -11.40 3.73
CA ASN A 26 7.77 -10.53 2.62
C ASN A 26 7.76 -9.09 3.07
N GLU A 27 8.90 -8.62 3.55
CA GLU A 27 9.03 -7.25 4.04
C GLU A 27 8.65 -6.26 2.94
N GLN A 28 8.74 -6.69 1.68
CA GLN A 28 8.41 -5.83 0.55
C GLN A 28 6.96 -5.36 0.64
N GLY A 29 6.19 -6.02 1.49
CA GLY A 29 4.78 -5.67 1.68
C GLY A 29 4.10 -5.43 0.32
N SER A 30 2.91 -4.86 0.37
CA SER A 30 2.16 -4.57 -0.85
C SER A 30 1.16 -3.45 -0.61
N CYS A 31 0.72 -2.83 -1.70
CA CYS A 31 -0.24 -1.74 -1.62
C CYS A 31 -1.61 -2.27 -1.18
N GLN A 32 -2.12 -1.76 -0.07
CA GLN A 32 -3.42 -2.19 0.44
C GLN A 32 -4.11 -1.03 1.16
N SER A 33 -5.39 -0.84 0.86
CA SER A 33 -6.17 0.23 1.47
C SER A 33 -6.30 0.00 2.97
N THR A 34 -5.70 0.89 3.75
CA THR A 34 -5.74 0.79 5.21
C THR A 34 -6.83 1.67 5.77
N ILE A 35 -7.26 1.37 6.99
CA ILE A 35 -8.30 2.14 7.65
C ILE A 35 -7.83 3.58 7.85
N SER A 36 -6.54 3.74 8.11
CA SER A 36 -5.95 5.06 8.33
C SER A 36 -6.09 5.88 7.05
N ALA A 37 -6.29 5.19 5.93
CA ALA A 37 -6.43 5.85 4.64
C ALA A 37 -7.69 6.71 4.63
N LEU A 38 -8.57 6.46 5.59
CA LEU A 38 -9.81 7.22 5.70
C LEU A 38 -9.49 8.68 5.97
N TRP A 39 -8.45 8.93 6.76
CA TRP A 39 -8.03 10.28 7.08
C TRP A 39 -7.58 10.99 5.81
N LYS A 40 -7.21 10.19 4.81
CA LYS A 40 -6.77 10.72 3.52
C LYS A 40 -7.55 10.05 2.40
N LYS A 41 -8.83 9.81 2.65
CA LYS A 41 -9.70 9.16 1.67
C LYS A 41 -9.38 9.64 0.26
N CYS A 42 -8.86 8.73 -0.56
CA CYS A 42 -8.50 9.04 -1.94
C CYS A 42 -9.55 9.97 -2.55
N CYS A 1 3.18 4.04 -9.62
CA CYS A 1 2.08 3.58 -8.73
C CYS A 1 1.65 2.17 -9.14
N ALA A 2 0.83 1.54 -8.31
CA ALA A 2 0.34 0.20 -8.59
C ALA A 2 -1.09 0.05 -8.08
N LYS A 3 -1.58 -1.18 -8.08
CA LYS A 3 -2.94 -1.46 -7.62
C LYS A 3 -2.90 -2.30 -6.35
N LYS A 4 -4.06 -2.75 -5.90
CA LYS A 4 -4.15 -3.56 -4.69
C LYS A 4 -3.56 -4.94 -4.94
N ARG A 5 -2.98 -5.52 -3.90
CA ARG A 5 -2.37 -6.85 -4.00
C ARG A 5 -1.00 -6.75 -4.65
N ASN A 6 -0.54 -5.52 -4.90
CA ASN A 6 0.76 -5.29 -5.51
C ASN A 6 1.81 -5.17 -4.42
N TRP A 7 3.07 -5.02 -4.80
CA TRP A 7 4.16 -4.91 -3.85
C TRP A 7 4.41 -3.44 -3.52
N CYS A 8 4.87 -3.18 -2.29
CA CYS A 8 5.14 -1.82 -1.85
C CYS A 8 5.71 -0.99 -3.00
N GLY A 9 5.18 0.21 -3.17
CA GLY A 9 5.61 1.10 -4.23
C GLY A 9 7.07 1.52 -4.04
N LYS A 10 7.29 2.49 -3.17
CA LYS A 10 8.64 2.99 -2.90
C LYS A 10 9.05 3.97 -3.98
N THR A 11 8.94 3.54 -5.23
CA THR A 11 9.29 4.38 -6.37
C THR A 11 8.63 5.74 -6.24
N GLU A 12 7.32 5.73 -6.00
CA GLU A 12 6.55 6.97 -5.84
C GLU A 12 5.57 6.84 -4.68
N ASP A 13 4.66 5.88 -4.77
CA ASP A 13 3.66 5.66 -3.72
C ASP A 13 2.44 4.94 -4.30
N CYS A 14 1.96 3.93 -3.58
CA CYS A 14 0.78 3.19 -4.03
C CYS A 14 -0.31 4.18 -4.42
N CYS A 15 -1.41 3.66 -4.95
CA CYS A 15 -2.52 4.52 -5.36
C CYS A 15 -3.58 4.58 -4.27
N CYS A 16 -3.57 5.68 -3.52
CA CYS A 16 -4.52 5.87 -2.42
C CYS A 16 -5.88 5.30 -2.78
N PRO A 17 -6.61 4.81 -1.76
CA PRO A 17 -6.14 4.80 -0.37
C PRO A 17 -5.11 3.70 -0.12
N MET A 18 -4.72 3.00 -1.18
CA MET A 18 -3.75 1.92 -1.06
C MET A 18 -2.48 2.42 -0.39
N LYS A 19 -2.13 1.78 0.73
CA LYS A 19 -0.93 2.16 1.47
C LYS A 19 0.02 0.97 1.58
N CYS A 20 1.31 1.23 1.41
CA CYS A 20 2.33 0.19 1.50
C CYS A 20 2.35 -0.40 2.90
N VAL A 21 1.80 -1.61 3.03
CA VAL A 21 1.75 -2.30 4.32
C VAL A 21 2.79 -3.42 4.38
N TYR A 22 3.04 -3.93 5.58
CA TYR A 22 4.01 -5.00 5.79
C TYR A 22 3.29 -6.32 6.02
N ALA A 23 3.70 -7.35 5.28
CA ALA A 23 3.10 -8.66 5.41
C ALA A 23 3.83 -9.48 6.48
N TRP A 24 4.68 -10.41 6.04
CA TRP A 24 5.45 -11.24 6.97
C TRP A 24 6.70 -11.75 6.26
N TYR A 25 6.50 -12.72 5.37
CA TYR A 25 7.60 -13.29 4.61
C TYR A 25 7.91 -12.42 3.40
N ASN A 26 7.27 -11.25 3.34
CA ASN A 26 7.46 -10.32 2.24
C ASN A 26 7.69 -8.91 2.78
N GLU A 27 8.91 -8.61 3.19
CA GLU A 27 9.25 -7.30 3.72
C GLU A 27 8.98 -6.23 2.66
N GLN A 28 8.80 -6.67 1.42
CA GLN A 28 8.54 -5.74 0.31
C GLN A 28 7.13 -5.16 0.43
N GLY A 29 6.38 -5.59 1.44
CA GLY A 29 5.02 -5.10 1.67
C GLY A 29 4.21 -5.12 0.39
N SER A 30 2.98 -4.61 0.47
CA SER A 30 2.08 -4.55 -0.68
C SER A 30 1.12 -3.38 -0.56
N CYS A 31 0.56 -2.97 -1.68
CA CYS A 31 -0.39 -1.87 -1.71
C CYS A 31 -1.76 -2.36 -1.26
N GLN A 32 -2.25 -1.82 -0.15
CA GLN A 32 -3.55 -2.21 0.38
C GLN A 32 -4.21 -1.03 1.08
N SER A 33 -5.43 -0.71 0.67
CA SER A 33 -6.18 0.40 1.26
C SER A 33 -6.43 0.14 2.74
N THR A 34 -5.81 0.96 3.58
CA THR A 34 -5.96 0.82 5.03
C THR A 34 -7.07 1.74 5.54
N ILE A 35 -7.66 1.37 6.67
CA ILE A 35 -8.73 2.16 7.26
C ILE A 35 -8.23 3.55 7.64
N SER A 36 -6.97 3.61 8.06
CA SER A 36 -6.35 4.87 8.43
C SER A 36 -6.28 5.78 7.22
N ALA A 37 -6.19 5.17 6.04
CA ALA A 37 -6.12 5.90 4.79
C ALA A 37 -7.43 6.64 4.55
N LEU A 38 -8.45 6.29 5.32
CA LEU A 38 -9.76 6.92 5.20
C LEU A 38 -9.66 8.40 5.53
N TRP A 39 -8.76 8.73 6.47
CA TRP A 39 -8.55 10.10 6.88
C TRP A 39 -8.02 10.91 5.70
N LYS A 40 -7.44 10.20 4.74
CA LYS A 40 -6.88 10.82 3.54
C LYS A 40 -7.51 10.18 2.31
N LYS A 41 -8.80 9.87 2.41
CA LYS A 41 -9.54 9.25 1.32
C LYS A 41 -9.03 9.75 -0.03
N CYS A 42 -8.47 8.82 -0.80
CA CYS A 42 -7.94 9.15 -2.12
C CYS A 42 -8.94 9.99 -2.91
N CYS A 1 3.28 3.77 -9.73
CA CYS A 1 2.19 3.36 -8.80
C CYS A 1 1.65 2.00 -9.19
N ALA A 2 0.84 1.41 -8.32
CA ALA A 2 0.26 0.10 -8.58
C ALA A 2 -1.13 0.02 -7.98
N LYS A 3 -1.75 -1.16 -8.07
CA LYS A 3 -3.09 -1.37 -7.53
C LYS A 3 -3.00 -2.18 -6.24
N LYS A 4 -4.16 -2.60 -5.74
CA LYS A 4 -4.21 -3.39 -4.51
C LYS A 4 -3.67 -4.78 -4.75
N ARG A 5 -3.04 -5.36 -3.74
CA ARG A 5 -2.49 -6.71 -3.84
C ARG A 5 -1.14 -6.68 -4.56
N ASN A 6 -0.66 -5.48 -4.87
CA ASN A 6 0.62 -5.33 -5.56
C ASN A 6 1.75 -5.22 -4.55
N TRP A 7 2.98 -5.45 -4.99
CA TRP A 7 4.14 -5.36 -4.11
C TRP A 7 4.72 -3.96 -4.13
N CYS A 8 5.17 -3.47 -2.98
CA CYS A 8 5.75 -2.14 -2.88
C CYS A 8 7.10 -2.09 -3.55
N GLY A 9 7.86 -1.04 -3.25
CA GLY A 9 9.20 -0.87 -3.82
C GLY A 9 9.83 0.41 -3.29
N LYS A 10 9.61 0.68 -2.01
CA LYS A 10 10.16 1.87 -1.36
C LYS A 10 9.51 3.13 -1.95
N THR A 11 9.98 3.54 -3.12
CA THR A 11 9.45 4.72 -3.78
C THR A 11 7.98 4.51 -4.13
N GLU A 12 7.26 5.60 -4.37
CA GLU A 12 5.85 5.54 -4.72
C GLU A 12 5.04 4.98 -3.55
N ASP A 13 4.17 5.81 -2.98
CA ASP A 13 3.34 5.40 -1.86
C ASP A 13 2.05 4.77 -2.37
N CYS A 14 2.16 3.94 -3.39
CA CYS A 14 1.00 3.28 -3.98
C CYS A 14 -0.04 4.30 -4.38
N CYS A 15 -1.18 3.82 -4.87
CA CYS A 15 -2.26 4.69 -5.30
C CYS A 15 -3.29 4.82 -4.20
N CYS A 16 -3.23 5.92 -3.45
CA CYS A 16 -4.16 6.16 -2.36
C CYS A 16 -5.55 5.67 -2.72
N PRO A 17 -6.32 5.23 -1.71
CA PRO A 17 -5.85 5.21 -0.31
C PRO A 17 -4.91 4.05 -0.05
N MET A 18 -4.56 3.32 -1.10
CA MET A 18 -3.67 2.18 -0.97
C MET A 18 -2.37 2.57 -0.29
N LYS A 19 -2.10 1.96 0.85
CA LYS A 19 -0.89 2.24 1.60
C LYS A 19 -0.05 0.97 1.73
N CYS A 20 1.26 1.10 1.51
CA CYS A 20 2.16 -0.03 1.59
C CYS A 20 2.09 -0.66 2.99
N VAL A 21 1.69 -1.92 3.04
CA VAL A 21 1.57 -2.64 4.29
C VAL A 21 2.68 -3.68 4.40
N TYR A 22 2.99 -4.08 5.64
CA TYR A 22 4.04 -5.06 5.88
C TYR A 22 3.40 -6.40 6.21
N ALA A 23 3.80 -7.43 5.47
CA ALA A 23 3.27 -8.78 5.69
C ALA A 23 4.13 -9.52 6.71
N TRP A 24 4.96 -10.45 6.25
CA TRP A 24 5.84 -11.21 7.12
C TRP A 24 7.06 -11.66 6.34
N TYR A 25 6.87 -12.67 5.49
CA TYR A 25 7.94 -13.19 4.66
C TYR A 25 8.10 -12.31 3.42
N ASN A 26 7.35 -11.22 3.37
CA ASN A 26 7.40 -10.30 2.23
C ASN A 26 7.63 -8.87 2.71
N GLU A 27 8.87 -8.56 3.07
CA GLU A 27 9.21 -7.23 3.55
C GLU A 27 8.89 -6.18 2.49
N GLN A 28 8.65 -6.64 1.27
CA GLN A 28 8.33 -5.74 0.17
C GLN A 28 6.93 -5.17 0.32
N GLY A 29 6.22 -5.58 1.37
CA GLY A 29 4.87 -5.10 1.63
C GLY A 29 4.06 -5.07 0.34
N SER A 30 2.86 -4.48 0.40
CA SER A 30 2.00 -4.38 -0.77
C SER A 30 1.01 -3.24 -0.64
N CYS A 31 0.50 -2.78 -1.77
CA CYS A 31 -0.46 -1.68 -1.80
C CYS A 31 -1.81 -2.16 -1.32
N GLN A 32 -2.25 -1.67 -0.16
CA GLN A 32 -3.53 -2.05 0.40
C GLN A 32 -4.15 -0.88 1.17
N SER A 33 -5.32 -0.45 0.75
CA SER A 33 -6.02 0.66 1.39
C SER A 33 -6.33 0.31 2.84
N THR A 34 -5.79 1.10 3.76
CA THR A 34 -6.01 0.87 5.18
C THR A 34 -7.20 1.69 5.68
N ILE A 35 -7.73 1.29 6.83
CA ILE A 35 -8.87 1.97 7.42
C ILE A 35 -8.51 3.43 7.72
N SER A 36 -7.33 3.64 8.28
CA SER A 36 -6.87 4.97 8.61
C SER A 36 -6.73 5.79 7.34
N ALA A 37 -6.64 5.10 6.21
CA ALA A 37 -6.50 5.76 4.91
C ALA A 37 -7.77 6.55 4.59
N LEU A 38 -8.84 6.27 5.32
CA LEU A 38 -10.10 6.96 5.14
C LEU A 38 -9.94 8.45 5.43
N TRP A 39 -9.11 8.75 6.42
CA TRP A 39 -8.86 10.14 6.79
C TRP A 39 -8.22 10.88 5.63
N LYS A 40 -7.65 10.12 4.69
CA LYS A 40 -7.01 10.69 3.52
C LYS A 40 -7.58 10.06 2.25
N LYS A 41 -8.89 9.82 2.27
CA LYS A 41 -9.58 9.20 1.13
C LYS A 41 -9.06 9.79 -0.18
N CYS A 42 -8.20 9.03 -0.86
CA CYS A 42 -7.63 9.45 -2.13
C CYS A 42 -8.67 10.20 -2.95
N CYS A 1 1.91 4.83 -10.26
CA CYS A 1 1.04 4.27 -9.18
C CYS A 1 0.97 2.76 -9.33
N ALA A 2 0.43 2.10 -8.30
CA ALA A 2 0.29 0.65 -8.31
C ALA A 2 -1.09 0.26 -7.83
N LYS A 3 -1.44 -1.02 -8.01
CA LYS A 3 -2.74 -1.52 -7.59
C LYS A 3 -2.58 -2.34 -6.32
N LYS A 4 -3.70 -2.79 -5.77
CA LYS A 4 -3.68 -3.60 -4.55
C LYS A 4 -2.99 -4.93 -4.80
N ARG A 5 -2.28 -5.42 -3.79
CA ARG A 5 -1.57 -6.69 -3.90
C ARG A 5 -0.28 -6.52 -4.70
N ASN A 6 0.13 -5.28 -4.91
CA ASN A 6 1.35 -4.99 -5.66
C ASN A 6 2.52 -4.78 -4.72
N TRP A 7 3.53 -5.63 -4.83
CA TRP A 7 4.71 -5.53 -3.99
C TRP A 7 5.16 -4.08 -3.87
N CYS A 8 5.65 -3.70 -2.69
CA CYS A 8 6.11 -2.34 -2.44
C CYS A 8 7.63 -2.29 -2.50
N GLY A 9 8.29 -3.11 -1.70
CA GLY A 9 9.75 -3.14 -1.66
C GLY A 9 10.32 -1.74 -1.46
N LYS A 10 10.30 -1.26 -0.23
CA LYS A 10 10.82 0.06 0.09
C LYS A 10 10.04 1.13 -0.67
N THR A 11 10.61 2.33 -0.77
CA THR A 11 9.97 3.42 -1.47
C THR A 11 8.50 3.50 -1.08
N GLU A 12 7.75 4.35 -1.78
CA GLU A 12 6.32 4.52 -1.50
C GLU A 12 5.63 5.15 -2.70
N ASP A 13 4.45 4.61 -3.05
CA ASP A 13 3.69 5.13 -4.18
C ASP A 13 2.61 4.15 -4.59
N CYS A 14 1.39 4.38 -4.11
CA CYS A 14 0.25 3.53 -4.45
C CYS A 14 -0.96 4.39 -4.78
N CYS A 15 -2.05 3.74 -5.17
CA CYS A 15 -3.27 4.45 -5.53
C CYS A 15 -4.21 4.52 -4.32
N CYS A 16 -4.18 5.65 -3.63
CA CYS A 16 -5.03 5.84 -2.45
C CYS A 16 -6.39 5.20 -2.65
N PRO A 17 -6.99 4.71 -1.55
CA PRO A 17 -6.39 4.79 -0.21
C PRO A 17 -5.31 3.74 -0.01
N MET A 18 -4.98 3.03 -1.08
CA MET A 18 -3.96 1.98 -1.02
C MET A 18 -2.63 2.56 -0.56
N LYS A 19 -2.06 1.98 0.48
CA LYS A 19 -0.78 2.43 1.03
C LYS A 19 0.15 1.24 1.24
N CYS A 20 1.44 1.45 0.98
CA CYS A 20 2.42 0.38 1.16
C CYS A 20 2.30 -0.24 2.55
N VAL A 21 1.68 -1.41 2.61
CA VAL A 21 1.49 -2.11 3.88
C VAL A 21 2.47 -3.27 4.00
N TYR A 22 2.49 -3.92 5.16
CA TYR A 22 3.37 -5.04 5.41
C TYR A 22 2.59 -6.34 5.39
N ALA A 23 3.27 -7.44 5.13
CA ALA A 23 2.63 -8.75 5.09
C ALA A 23 3.10 -9.61 6.26
N TRP A 24 4.04 -10.52 6.00
CA TRP A 24 4.57 -11.38 7.04
C TRP A 24 5.96 -11.88 6.64
N TYR A 25 5.98 -12.85 5.74
CA TYR A 25 7.22 -13.42 5.25
C TYR A 25 7.73 -12.64 4.05
N ASN A 26 7.23 -11.41 3.90
CA ASN A 26 7.62 -10.56 2.78
C ASN A 26 7.61 -9.10 3.22
N GLU A 27 8.74 -8.62 3.73
CA GLU A 27 8.86 -7.25 4.18
C GLU A 27 8.57 -6.28 3.03
N GLN A 28 8.73 -6.77 1.81
CA GLN A 28 8.49 -5.95 0.62
C GLN A 28 7.06 -5.43 0.61
N GLY A 29 6.21 -6.03 1.44
CA GLY A 29 4.81 -5.62 1.54
C GLY A 29 4.23 -5.33 0.17
N SER A 30 3.12 -4.59 0.15
CA SER A 30 2.46 -4.23 -1.10
C SER A 30 1.36 -3.21 -0.85
N CYS A 31 0.92 -2.55 -1.91
CA CYS A 31 -0.13 -1.56 -1.83
C CYS A 31 -1.42 -2.19 -1.33
N GLN A 32 -1.83 -1.84 -0.11
CA GLN A 32 -3.04 -2.38 0.47
C GLN A 32 -3.79 -1.29 1.23
N SER A 33 -5.09 -1.19 0.97
CA SER A 33 -5.93 -0.20 1.62
C SER A 33 -5.78 -0.32 3.14
N THR A 34 -5.95 0.80 3.84
CA THR A 34 -5.85 0.82 5.29
C THR A 34 -6.86 1.78 5.88
N ILE A 35 -7.28 1.51 7.12
CA ILE A 35 -8.24 2.35 7.80
C ILE A 35 -7.67 3.76 7.98
N SER A 36 -6.36 3.83 8.16
CA SER A 36 -5.69 5.12 8.33
C SER A 36 -5.84 5.95 7.06
N ALA A 37 -5.96 5.24 5.94
CA ALA A 37 -6.13 5.90 4.65
C ALA A 37 -7.45 6.65 4.60
N LEU A 38 -8.33 6.35 5.56
CA LEU A 38 -9.62 7.00 5.64
C LEU A 38 -9.46 8.49 5.87
N TRP A 39 -8.42 8.85 6.62
CA TRP A 39 -8.13 10.24 6.92
C TRP A 39 -7.82 10.98 5.62
N LYS A 40 -7.43 10.21 4.60
CA LYS A 40 -7.11 10.77 3.29
C LYS A 40 -7.92 10.05 2.22
N LYS A 41 -9.16 9.71 2.56
CA LYS A 41 -10.05 9.01 1.65
C LYS A 41 -9.79 9.42 0.20
N CYS A 42 -9.06 8.58 -0.51
CA CYS A 42 -8.72 8.83 -1.91
C CYS A 42 -9.92 9.44 -2.63
N CYS A 1 2.05 4.83 -10.23
CA CYS A 1 1.15 4.32 -9.15
C CYS A 1 1.09 2.80 -9.20
N ALA A 2 0.54 2.21 -8.15
CA ALA A 2 0.41 0.76 -8.07
C ALA A 2 -0.98 0.38 -7.60
N LYS A 3 -1.36 -0.88 -7.81
CA LYS A 3 -2.67 -1.36 -7.40
C LYS A 3 -2.54 -2.22 -6.16
N LYS A 4 -3.68 -2.68 -5.64
CA LYS A 4 -3.68 -3.51 -4.44
C LYS A 4 -3.03 -4.87 -4.73
N ARG A 5 -2.39 -5.43 -3.72
CA ARG A 5 -1.73 -6.73 -3.86
C ARG A 5 -0.43 -6.58 -4.64
N ASN A 6 -0.02 -5.34 -4.88
CA ASN A 6 1.21 -5.06 -5.62
C ASN A 6 2.37 -4.88 -4.65
N TRP A 7 3.39 -5.73 -4.78
CA TRP A 7 4.56 -5.66 -3.91
C TRP A 7 5.05 -4.21 -3.80
N CYS A 8 5.76 -3.92 -2.71
CA CYS A 8 6.28 -2.58 -2.48
C CYS A 8 7.81 -2.58 -2.57
N GLY A 9 8.38 -1.41 -2.81
CA GLY A 9 9.83 -1.27 -2.91
C GLY A 9 10.26 0.15 -2.59
N LYS A 10 11.16 0.70 -3.41
CA LYS A 10 11.66 2.05 -3.21
C LYS A 10 11.22 2.96 -4.35
N THR A 11 10.44 3.99 -4.01
CA THR A 11 9.94 4.93 -5.00
C THR A 11 9.01 4.23 -5.98
N GLU A 12 7.72 4.31 -5.71
CA GLU A 12 6.71 3.68 -6.57
C GLU A 12 5.34 4.29 -6.29
N ASP A 13 5.02 4.44 -5.01
CA ASP A 13 3.74 5.01 -4.60
C ASP A 13 2.58 4.15 -5.06
N CYS A 14 1.54 4.09 -4.23
CA CYS A 14 0.35 3.30 -4.55
C CYS A 14 -0.81 4.24 -4.85
N CYS A 15 -1.94 3.68 -5.24
CA CYS A 15 -3.12 4.48 -5.55
C CYS A 15 -4.04 4.57 -4.33
N CYS A 16 -4.00 5.71 -3.66
CA CYS A 16 -4.81 5.92 -2.47
C CYS A 16 -6.19 5.29 -2.63
N PRO A 17 -6.78 4.86 -1.52
CA PRO A 17 -6.15 4.96 -0.19
C PRO A 17 -5.06 3.90 0.00
N MET A 18 -4.80 3.15 -1.05
CA MET A 18 -3.78 2.10 -1.01
C MET A 18 -2.43 2.70 -0.65
N LYS A 19 -1.82 2.17 0.41
CA LYS A 19 -0.52 2.65 0.86
C LYS A 19 0.42 1.48 1.08
N CYS A 20 1.72 1.72 0.85
CA CYS A 20 2.72 0.68 1.03
C CYS A 20 2.55 0.01 2.38
N VAL A 21 1.95 -1.17 2.39
CA VAL A 21 1.71 -1.91 3.63
C VAL A 21 2.69 -3.06 3.76
N TYR A 22 2.78 -3.62 4.95
CA TYR A 22 3.69 -4.73 5.22
C TYR A 22 2.91 -6.02 5.41
N ALA A 23 3.59 -7.15 5.23
CA ALA A 23 2.95 -8.46 5.39
C ALA A 23 3.65 -9.25 6.49
N TRP A 24 4.42 -10.26 6.11
CA TRP A 24 5.14 -11.08 7.08
C TRP A 24 6.20 -11.93 6.38
N TYR A 25 5.75 -12.84 5.53
CA TYR A 25 6.65 -13.71 4.77
C TYR A 25 7.27 -12.93 3.62
N ASN A 26 6.93 -11.65 3.51
CA ASN A 26 7.45 -10.80 2.46
C ASN A 26 7.52 -9.36 2.96
N GLU A 27 8.69 -8.99 3.46
CA GLU A 27 8.91 -7.64 4.00
C GLU A 27 8.60 -6.58 2.95
N GLN A 28 8.68 -6.96 1.68
CA GLN A 28 8.41 -6.04 0.59
C GLN A 28 6.97 -5.54 0.64
N GLY A 29 6.16 -6.19 1.46
CA GLY A 29 4.75 -5.80 1.62
C GLY A 29 4.12 -5.49 0.27
N SER A 30 2.94 -4.89 0.30
CA SER A 30 2.22 -4.53 -0.93
C SER A 30 1.24 -3.40 -0.66
N CYS A 31 0.75 -2.79 -1.73
CA CYS A 31 -0.20 -1.70 -1.62
C CYS A 31 -1.54 -2.21 -1.12
N GLN A 32 -1.98 -1.70 0.02
CA GLN A 32 -3.26 -2.11 0.60
C GLN A 32 -3.95 -0.93 1.28
N SER A 33 -5.25 -0.81 1.06
CA SER A 33 -6.03 0.27 1.64
C SER A 33 -6.02 0.18 3.16
N THR A 34 -5.37 1.15 3.81
CA THR A 34 -5.28 1.18 5.26
C THR A 34 -6.45 1.94 5.85
N ILE A 35 -6.84 1.58 7.08
CA ILE A 35 -7.94 2.24 7.76
C ILE A 35 -7.62 3.71 7.96
N SER A 36 -6.36 4.01 8.25
CA SER A 36 -5.92 5.37 8.47
C SER A 36 -6.11 6.17 7.18
N ALA A 37 -6.01 5.47 6.05
CA ALA A 37 -6.18 6.09 4.75
C ALA A 37 -7.59 6.63 4.60
N LEU A 38 -8.49 6.15 5.45
CA LEU A 38 -9.88 6.59 5.44
C LEU A 38 -9.97 8.08 5.69
N TRP A 39 -9.10 8.58 6.57
CA TRP A 39 -9.08 10.00 6.89
C TRP A 39 -8.75 10.81 5.65
N LYS A 40 -8.04 10.17 4.72
CA LYS A 40 -7.65 10.81 3.47
C LYS A 40 -8.18 9.99 2.30
N LYS A 41 -9.38 9.45 2.46
CA LYS A 41 -10.01 8.63 1.43
C LYS A 41 -9.72 9.20 0.05
N CYS A 42 -9.07 8.39 -0.78
CA CYS A 42 -8.71 8.77 -2.14
C CYS A 42 -9.96 9.17 -2.93
N CYS A 1 2.45 4.75 -9.84
CA CYS A 1 1.49 4.20 -8.84
C CYS A 1 1.32 2.70 -9.07
N ALA A 2 0.69 2.04 -8.11
CA ALA A 2 0.44 0.61 -8.20
C ALA A 2 -0.96 0.28 -7.72
N LYS A 3 -1.39 -0.95 -7.96
CA LYS A 3 -2.72 -1.38 -7.54
C LYS A 3 -2.61 -2.28 -6.31
N LYS A 4 -3.75 -2.74 -5.82
CA LYS A 4 -3.78 -3.60 -4.64
C LYS A 4 -3.09 -4.92 -4.94
N ARG A 5 -2.37 -5.45 -3.95
CA ARG A 5 -1.67 -6.71 -4.10
C ARG A 5 -0.37 -6.52 -4.88
N ASN A 6 0.04 -5.27 -5.05
CA ASN A 6 1.26 -4.96 -5.78
C ASN A 6 2.43 -4.78 -4.82
N TRP A 7 3.44 -5.63 -4.93
CA TRP A 7 4.61 -5.55 -4.07
C TRP A 7 5.21 -4.15 -4.11
N CYS A 8 5.84 -3.75 -3.00
CA CYS A 8 6.46 -2.44 -2.91
C CYS A 8 7.91 -2.52 -3.36
N GLY A 9 8.33 -1.56 -4.18
CA GLY A 9 9.71 -1.52 -4.68
C GLY A 9 9.91 -0.32 -5.59
N LYS A 10 9.45 0.84 -5.15
CA LYS A 10 9.58 2.07 -5.92
C LYS A 10 9.06 3.26 -5.13
N THR A 11 9.46 4.46 -5.53
CA THR A 11 9.03 5.68 -4.86
C THR A 11 7.61 6.04 -5.26
N GLU A 12 6.67 5.75 -4.36
CA GLU A 12 5.26 6.05 -4.62
C GLU A 12 4.40 5.63 -3.43
N ASP A 13 3.31 6.36 -3.21
CA ASP A 13 2.41 6.07 -2.12
C ASP A 13 1.20 5.30 -2.62
N CYS A 14 1.43 4.38 -3.55
CA CYS A 14 0.35 3.58 -4.13
C CYS A 14 -0.82 4.47 -4.50
N CYS A 15 -1.89 3.86 -4.98
CA CYS A 15 -3.08 4.59 -5.38
C CYS A 15 -4.10 4.58 -4.24
N CYS A 16 -4.14 5.67 -3.49
CA CYS A 16 -5.05 5.79 -2.36
C CYS A 16 -6.38 5.11 -2.65
N PRO A 17 -7.01 4.56 -1.60
CA PRO A 17 -6.47 4.61 -0.23
C PRO A 17 -5.34 3.60 -0.05
N MET A 18 -4.96 2.93 -1.12
CA MET A 18 -3.90 1.93 -1.09
C MET A 18 -2.59 2.58 -0.64
N LYS A 19 -1.92 1.92 0.31
CA LYS A 19 -0.65 2.43 0.81
C LYS A 19 0.29 1.27 1.09
N CYS A 20 1.59 1.50 0.90
CA CYS A 20 2.60 0.48 1.12
C CYS A 20 2.45 -0.11 2.53
N VAL A 21 1.85 -1.28 2.61
CA VAL A 21 1.64 -1.95 3.88
C VAL A 21 2.62 -3.12 4.05
N TYR A 22 2.73 -3.62 5.27
CA TYR A 22 3.63 -4.73 5.57
C TYR A 22 2.83 -6.00 5.81
N ALA A 23 3.40 -7.14 5.44
CA ALA A 23 2.73 -8.43 5.62
C ALA A 23 3.42 -9.22 6.73
N TRP A 24 4.09 -10.32 6.37
CA TRP A 24 4.78 -11.14 7.34
C TRP A 24 5.98 -11.82 6.69
N TYR A 25 5.69 -12.79 5.82
CA TYR A 25 6.74 -13.52 5.12
C TYR A 25 7.12 -12.78 3.84
N ASN A 26 6.69 -11.52 3.73
CA ASN A 26 6.99 -10.70 2.57
C ASN A 26 7.26 -9.27 3.00
N GLU A 27 8.47 -9.00 3.46
CA GLU A 27 8.85 -7.67 3.91
C GLU A 27 8.72 -6.68 2.76
N GLN A 28 8.65 -7.19 1.54
CA GLN A 28 8.52 -6.35 0.36
C GLN A 28 7.22 -5.57 0.41
N GLY A 29 6.33 -5.96 1.33
CA GLY A 29 5.05 -5.28 1.49
C GLY A 29 4.35 -5.11 0.15
N SER A 30 3.15 -4.54 0.18
CA SER A 30 2.37 -4.32 -1.04
C SER A 30 1.34 -3.23 -0.82
N CYS A 31 0.82 -2.69 -1.92
CA CYS A 31 -0.19 -1.64 -1.86
C CYS A 31 -1.53 -2.20 -1.40
N GLN A 32 -2.00 -1.74 -0.26
CA GLN A 32 -3.28 -2.20 0.28
C GLN A 32 -3.93 -1.09 1.11
N SER A 33 -5.22 -0.89 0.90
CA SER A 33 -5.96 0.14 1.63
C SER A 33 -5.66 0.02 3.12
N THR A 34 -5.87 1.11 3.85
CA THR A 34 -5.62 1.14 5.29
C THR A 34 -6.66 1.99 5.99
N ILE A 35 -6.93 1.66 7.25
CA ILE A 35 -7.89 2.40 8.05
C ILE A 35 -7.48 3.86 8.17
N SER A 36 -6.18 4.09 8.34
CA SER A 36 -5.65 5.43 8.46
C SER A 36 -5.88 6.18 7.15
N ALA A 37 -5.93 5.42 6.06
CA ALA A 37 -6.16 5.98 4.74
C ALA A 37 -7.55 6.57 4.65
N LEU A 38 -8.40 6.20 5.61
CA LEU A 38 -9.77 6.70 5.66
C LEU A 38 -9.76 8.20 5.84
N TRP A 39 -8.80 8.69 6.61
CA TRP A 39 -8.68 10.12 6.87
C TRP A 39 -8.39 10.85 5.56
N LYS A 40 -7.86 10.09 4.60
CA LYS A 40 -7.54 10.64 3.28
C LYS A 40 -8.30 9.88 2.21
N LYS A 41 -9.54 9.53 2.52
CA LYS A 41 -10.40 8.79 1.60
C LYS A 41 -10.09 9.19 0.15
N CYS A 42 -9.49 8.27 -0.59
CA CYS A 42 -9.13 8.51 -1.98
C CYS A 42 -10.38 8.81 -2.80
N CYS A 1 3.61 3.77 -9.21
CA CYS A 1 2.44 3.37 -8.38
C CYS A 1 1.91 2.02 -8.84
N ALA A 2 1.00 1.45 -8.06
CA ALA A 2 0.42 0.16 -8.39
C ALA A 2 -1.00 0.06 -7.85
N LYS A 3 -1.60 -1.12 -7.98
CA LYS A 3 -2.96 -1.33 -7.50
C LYS A 3 -2.94 -2.22 -6.26
N LYS A 4 -4.12 -2.62 -5.81
CA LYS A 4 -4.23 -3.47 -4.62
C LYS A 4 -3.69 -4.86 -4.92
N ARG A 5 -3.12 -5.50 -3.90
CA ARG A 5 -2.56 -6.84 -4.05
C ARG A 5 -1.21 -6.77 -4.74
N ASN A 6 -0.71 -5.55 -4.96
CA ASN A 6 0.57 -5.34 -5.61
C ASN A 6 1.68 -5.31 -4.58
N TRP A 7 2.93 -5.23 -5.04
CA TRP A 7 4.08 -5.18 -4.15
C TRP A 7 4.50 -3.74 -3.91
N CYS A 8 5.04 -3.49 -2.72
CA CYS A 8 5.49 -2.15 -2.34
C CYS A 8 7.01 -2.08 -2.32
N GLY A 9 7.59 -1.68 -3.45
CA GLY A 9 9.04 -1.56 -3.56
C GLY A 9 9.53 -0.27 -2.92
N LYS A 10 10.55 0.34 -3.54
CA LYS A 10 11.11 1.58 -3.04
C LYS A 10 10.81 2.72 -4.00
N THR A 11 10.90 3.95 -3.50
CA THR A 11 10.62 5.14 -4.30
C THR A 11 9.48 4.87 -5.28
N GLU A 12 8.32 4.54 -4.75
CA GLU A 12 7.15 4.25 -5.57
C GLU A 12 5.94 3.95 -4.69
N ASP A 13 5.43 4.98 -4.02
CA ASP A 13 4.27 4.83 -3.15
C ASP A 13 3.12 4.16 -3.88
N CYS A 14 2.11 3.74 -3.14
CA CYS A 14 0.94 3.10 -3.73
C CYS A 14 -0.07 4.15 -4.15
N CYS A 15 -1.17 3.69 -4.74
CA CYS A 15 -2.20 4.60 -5.21
C CYS A 15 -3.31 4.72 -4.16
N CYS A 16 -3.28 5.82 -3.42
CA CYS A 16 -4.26 6.05 -2.36
C CYS A 16 -5.63 5.54 -2.77
N PRO A 17 -6.44 5.11 -1.79
CA PRO A 17 -6.02 5.11 -0.38
C PRO A 17 -5.07 3.95 -0.06
N MET A 18 -4.68 3.21 -1.10
CA MET A 18 -3.78 2.08 -0.94
C MET A 18 -2.52 2.51 -0.21
N LYS A 19 -2.28 1.90 0.94
CA LYS A 19 -1.11 2.21 1.74
C LYS A 19 -0.14 1.03 1.74
N CYS A 20 1.16 1.34 1.62
CA CYS A 20 2.18 0.30 1.61
C CYS A 20 2.16 -0.45 2.95
N VAL A 21 1.62 -1.65 2.94
CA VAL A 21 1.53 -2.45 4.16
C VAL A 21 2.58 -3.56 4.14
N TYR A 22 2.82 -4.16 5.30
CA TYR A 22 3.80 -5.23 5.42
C TYR A 22 3.11 -6.58 5.50
N ALA A 23 3.85 -7.64 5.21
CA ALA A 23 3.31 -8.98 5.24
C ALA A 23 4.04 -9.82 6.29
N TRP A 24 4.97 -10.65 5.85
CA TRP A 24 5.75 -11.49 6.74
C TRP A 24 7.09 -11.83 6.11
N TYR A 25 7.08 -12.80 5.20
CA TYR A 25 8.29 -13.22 4.51
C TYR A 25 8.53 -12.33 3.28
N ASN A 26 7.80 -11.23 3.21
CA ASN A 26 7.91 -10.30 2.09
C ASN A 26 7.92 -8.87 2.60
N GLU A 27 9.11 -8.39 2.97
CA GLU A 27 9.26 -7.04 3.48
C GLU A 27 8.80 -6.02 2.44
N GLN A 28 8.81 -6.43 1.18
CA GLN A 28 8.39 -5.55 0.10
C GLN A 28 6.95 -5.11 0.30
N GLY A 29 6.25 -5.80 1.20
CA GLY A 29 4.86 -5.48 1.50
C GLY A 29 4.04 -5.38 0.22
N SER A 30 2.78 -4.96 0.37
CA SER A 30 1.89 -4.82 -0.78
C SER A 30 0.99 -3.61 -0.59
N CYS A 31 0.41 -3.14 -1.69
CA CYS A 31 -0.47 -2.00 -1.66
C CYS A 31 -1.88 -2.43 -1.24
N GLN A 32 -2.32 -1.95 -0.09
CA GLN A 32 -3.65 -2.29 0.41
C GLN A 32 -4.23 -1.14 1.21
N SER A 33 -5.43 -0.70 0.84
CA SER A 33 -6.09 0.40 1.53
C SER A 33 -6.00 0.20 3.04
N THR A 34 -6.22 1.26 3.79
CA THR A 34 -6.16 1.20 5.24
C THR A 34 -7.22 2.09 5.86
N ILE A 35 -7.59 1.78 7.10
CA ILE A 35 -8.60 2.54 7.81
C ILE A 35 -8.15 3.99 7.96
N SER A 36 -6.88 4.18 8.28
CA SER A 36 -6.33 5.52 8.44
C SER A 36 -6.39 6.25 7.11
N ALA A 37 -6.44 5.47 6.03
CA ALA A 37 -6.50 6.01 4.68
C ALA A 37 -7.82 6.78 4.51
N LEU A 38 -8.76 6.54 5.40
CA LEU A 38 -10.06 7.20 5.35
C LEU A 38 -9.87 8.70 5.53
N TRP A 39 -8.96 9.07 6.41
CA TRP A 39 -8.67 10.48 6.68
C TRP A 39 -8.22 11.15 5.40
N LYS A 40 -7.74 10.35 4.46
CA LYS A 40 -7.28 10.85 3.17
C LYS A 40 -7.89 10.02 2.04
N LYS A 41 -9.17 9.69 2.19
CA LYS A 41 -9.88 8.90 1.20
C LYS A 41 -9.54 9.36 -0.21
N CYS A 42 -8.56 8.68 -0.81
CA CYS A 42 -8.13 9.00 -2.17
C CYS A 42 -9.32 9.35 -3.04
N CYS A 1 2.30 4.72 -10.12
CA CYS A 1 1.29 4.19 -9.17
C CYS A 1 1.02 2.72 -9.50
N ALA A 2 0.25 2.05 -8.64
CA ALA A 2 -0.08 0.65 -8.86
C ALA A 2 -1.42 0.31 -8.24
N LYS A 3 -1.80 -0.97 -8.31
CA LYS A 3 -3.08 -1.42 -7.76
C LYS A 3 -2.85 -2.18 -6.45
N LYS A 4 -3.91 -2.79 -5.94
CA LYS A 4 -3.81 -3.56 -4.69
C LYS A 4 -3.09 -4.88 -4.92
N ARG A 5 -2.51 -5.42 -3.87
CA ARG A 5 -1.79 -6.69 -3.94
C ARG A 5 -0.46 -6.51 -4.66
N ASN A 6 -0.12 -5.26 -4.99
CA ASN A 6 1.13 -4.97 -5.68
C ASN A 6 2.23 -4.65 -4.67
N TRP A 7 3.27 -5.49 -4.67
CA TRP A 7 4.39 -5.29 -3.76
C TRP A 7 4.78 -3.83 -3.70
N CYS A 8 5.28 -3.39 -2.54
CA CYS A 8 5.69 -2.01 -2.36
C CYS A 8 6.95 -1.73 -3.18
N GLY A 9 7.80 -2.74 -3.30
CA GLY A 9 9.04 -2.60 -4.05
C GLY A 9 8.83 -1.72 -5.27
N LYS A 10 7.97 -2.16 -6.19
CA LYS A 10 7.68 -1.41 -7.39
C LYS A 10 7.39 0.05 -7.04
N THR A 11 8.35 0.93 -7.35
CA THR A 11 8.20 2.35 -7.07
C THR A 11 7.74 2.56 -5.63
N GLU A 12 7.40 3.80 -5.30
CA GLU A 12 6.94 4.13 -3.96
C GLU A 12 5.47 4.55 -3.99
N ASP A 13 4.84 4.59 -2.81
CA ASP A 13 3.44 4.98 -2.71
C ASP A 13 2.60 4.19 -3.70
N CYS A 14 1.29 4.35 -3.61
CA CYS A 14 0.37 3.65 -4.50
C CYS A 14 -0.84 4.52 -4.82
N CYS A 15 -1.90 3.89 -5.30
CA CYS A 15 -3.10 4.61 -5.68
C CYS A 15 -4.07 4.67 -4.49
N CYS A 16 -4.04 5.78 -3.77
CA CYS A 16 -4.90 5.99 -2.60
C CYS A 16 -6.25 5.30 -2.81
N PRO A 17 -6.84 4.80 -1.71
CA PRO A 17 -6.25 4.89 -0.38
C PRO A 17 -5.20 3.82 -0.15
N MET A 18 -4.81 3.13 -1.22
CA MET A 18 -3.82 2.08 -1.14
C MET A 18 -2.54 2.59 -0.48
N LYS A 19 -2.17 1.97 0.64
CA LYS A 19 -0.97 2.37 1.36
C LYS A 19 -0.05 1.17 1.54
N CYS A 20 1.26 1.42 1.48
CA CYS A 20 2.24 0.36 1.63
C CYS A 20 2.08 -0.32 2.98
N VAL A 21 1.73 -1.60 2.95
CA VAL A 21 1.54 -2.37 4.17
C VAL A 21 2.60 -3.44 4.30
N TYR A 22 2.77 -3.95 5.52
CA TYR A 22 3.76 -4.99 5.79
C TYR A 22 3.07 -6.31 6.06
N ALA A 23 3.63 -7.40 5.54
CA ALA A 23 3.06 -8.73 5.74
C ALA A 23 3.81 -9.47 6.84
N TRP A 24 4.68 -10.41 6.46
CA TRP A 24 5.46 -11.17 7.42
C TRP A 24 6.70 -11.75 6.73
N TYR A 25 6.49 -12.79 5.95
CA TYR A 25 7.58 -13.43 5.23
C TYR A 25 7.94 -12.63 3.98
N ASN A 26 7.28 -11.49 3.81
CA ASN A 26 7.52 -10.63 2.65
C ASN A 26 7.62 -9.18 3.09
N GLU A 27 8.80 -8.78 3.57
CA GLU A 27 9.01 -7.41 4.02
C GLU A 27 8.74 -6.43 2.88
N GLN A 28 8.70 -6.95 1.66
CA GLN A 28 8.45 -6.12 0.49
C GLN A 28 7.06 -5.49 0.56
N GLY A 29 6.25 -5.97 1.50
CA GLY A 29 4.90 -5.45 1.69
C GLY A 29 4.19 -5.28 0.35
N SER A 30 2.99 -4.72 0.42
CA SER A 30 2.20 -4.49 -0.79
C SER A 30 1.15 -3.40 -0.55
N CYS A 31 0.60 -2.88 -1.63
CA CYS A 31 -0.40 -1.82 -1.54
C CYS A 31 -1.75 -2.39 -1.13
N GLN A 32 -2.32 -1.82 -0.08
CA GLN A 32 -3.62 -2.25 0.42
C GLN A 32 -4.35 -1.09 1.07
N SER A 33 -5.57 -0.85 0.63
CA SER A 33 -6.37 0.25 1.17
C SER A 33 -6.66 -0.01 2.64
N THR A 34 -5.92 0.66 3.52
CA THR A 34 -6.09 0.50 4.95
C THR A 34 -7.11 1.49 5.50
N ILE A 35 -7.67 1.17 6.66
CA ILE A 35 -8.65 2.04 7.30
C ILE A 35 -8.03 3.38 7.62
N SER A 36 -6.74 3.37 7.96
CA SER A 36 -6.01 4.59 8.28
C SER A 36 -5.97 5.48 7.05
N ALA A 37 -6.01 4.87 5.88
CA ALA A 37 -5.97 5.59 4.62
C ALA A 37 -7.23 6.44 4.48
N LEU A 38 -8.23 6.15 5.31
CA LEU A 38 -9.49 6.88 5.29
C LEU A 38 -9.24 8.34 5.65
N TRP A 39 -8.29 8.57 6.54
CA TRP A 39 -7.94 9.92 6.97
C TRP A 39 -7.45 10.72 5.77
N LYS A 40 -7.00 9.99 4.74
CA LYS A 40 -6.50 10.61 3.52
C LYS A 40 -7.29 10.09 2.33
N LYS A 41 -8.59 9.91 2.53
CA LYS A 41 -9.48 9.40 1.48
C LYS A 41 -9.02 9.87 0.10
N CYS A 42 -8.57 8.93 -0.71
CA CYS A 42 -8.10 9.22 -2.05
C CYS A 42 -8.99 10.29 -2.70
N CYS A 1 2.45 4.25 -10.10
CA CYS A 1 1.42 3.76 -9.15
C CYS A 1 0.97 2.37 -9.55
N ALA A 2 0.19 1.73 -8.69
CA ALA A 2 -0.31 0.38 -8.97
C ALA A 2 -1.58 0.12 -8.19
N LYS A 3 -1.99 -1.15 -8.15
CA LYS A 3 -3.20 -1.53 -7.43
C LYS A 3 -2.84 -2.34 -6.19
N LYS A 4 -3.85 -2.89 -5.53
CA LYS A 4 -3.61 -3.69 -4.33
C LYS A 4 -2.89 -4.98 -4.70
N ARG A 5 -2.16 -5.54 -3.75
CA ARG A 5 -1.42 -6.78 -3.96
C ARG A 5 -0.13 -6.51 -4.71
N ASN A 6 0.15 -5.23 -4.98
CA ASN A 6 1.36 -4.85 -5.69
C ASN A 6 2.49 -4.59 -4.70
N TRP A 7 3.54 -5.39 -4.78
CA TRP A 7 4.68 -5.24 -3.90
C TRP A 7 5.03 -3.77 -3.69
N CYS A 8 5.36 -3.42 -2.46
CA CYS A 8 5.72 -2.04 -2.12
C CYS A 8 6.77 -1.52 -3.09
N GLY A 9 7.99 -2.02 -2.94
CA GLY A 9 9.10 -1.61 -3.81
C GLY A 9 9.38 -0.12 -3.65
N LYS A 10 10.54 0.32 -4.14
CA LYS A 10 10.92 1.73 -4.04
C LYS A 10 9.79 2.62 -4.53
N THR A 11 9.78 3.86 -4.06
CA THR A 11 8.75 4.82 -4.44
C THR A 11 7.53 4.70 -3.52
N GLU A 12 7.15 3.45 -3.23
CA GLU A 12 6.01 3.18 -2.36
C GLU A 12 4.92 4.22 -2.58
N ASP A 13 4.61 4.49 -3.84
CA ASP A 13 3.58 5.46 -4.19
C ASP A 13 2.36 4.77 -4.77
N CYS A 14 1.74 3.90 -3.99
CA CYS A 14 0.56 3.17 -4.43
C CYS A 14 -0.57 4.15 -4.70
N CYS A 15 -1.70 3.62 -5.15
CA CYS A 15 -2.85 4.44 -5.48
C CYS A 15 -3.79 4.52 -4.29
N CYS A 16 -3.76 5.66 -3.59
CA CYS A 16 -4.60 5.86 -2.41
C CYS A 16 -5.98 5.25 -2.62
N PRO A 17 -6.60 4.82 -1.52
CA PRO A 17 -6.02 4.90 -0.18
C PRO A 17 -4.96 3.82 0.06
N MET A 18 -4.63 3.09 -0.99
CA MET A 18 -3.65 2.02 -0.90
C MET A 18 -2.33 2.56 -0.35
N LYS A 19 -1.85 1.95 0.73
CA LYS A 19 -0.60 2.37 1.36
C LYS A 19 0.32 1.18 1.52
N CYS A 20 1.62 1.42 1.34
CA CYS A 20 2.62 0.36 1.47
C CYS A 20 2.46 -0.35 2.81
N VAL A 21 1.90 -1.55 2.78
CA VAL A 21 1.70 -2.33 3.99
C VAL A 21 2.71 -3.46 4.09
N TYR A 22 2.86 -4.01 5.28
CA TYR A 22 3.79 -5.10 5.53
C TYR A 22 3.04 -6.42 5.63
N ALA A 23 3.71 -7.51 5.27
CA ALA A 23 3.10 -8.82 5.33
C ALA A 23 3.75 -9.67 6.42
N TRP A 24 4.57 -10.65 6.01
CA TRP A 24 5.27 -11.50 6.96
C TRP A 24 6.50 -12.12 6.31
N TYR A 25 6.26 -13.02 5.35
CA TYR A 25 7.34 -13.68 4.64
C TYR A 25 7.76 -12.83 3.44
N ASN A 26 7.33 -11.57 3.44
CA ASN A 26 7.66 -10.65 2.35
C ASN A 26 7.76 -9.23 2.89
N GLU A 27 8.97 -8.85 3.27
CA GLU A 27 9.20 -7.51 3.81
C GLU A 27 8.82 -6.45 2.78
N GLN A 28 8.90 -6.83 1.50
CA GLN A 28 8.56 -5.92 0.42
C GLN A 28 7.11 -5.47 0.53
N GLY A 29 6.34 -6.17 1.36
CA GLY A 29 4.94 -5.84 1.57
C GLY A 29 4.23 -5.59 0.26
N SER A 30 3.02 -5.04 0.33
CA SER A 30 2.23 -4.74 -0.85
C SER A 30 1.28 -3.59 -0.58
N CYS A 31 0.75 -3.00 -1.65
CA CYS A 31 -0.18 -1.90 -1.54
C CYS A 31 -1.53 -2.39 -1.05
N GLN A 32 -1.99 -1.87 0.08
CA GLN A 32 -3.28 -2.25 0.65
C GLN A 32 -3.90 -1.08 1.38
N SER A 33 -5.16 -0.77 1.04
CA SER A 33 -5.87 0.32 1.67
C SER A 33 -5.95 0.10 3.18
N THR A 34 -6.28 1.16 3.92
CA THR A 34 -6.38 1.08 5.37
C THR A 34 -7.49 1.98 5.88
N ILE A 35 -8.02 1.64 7.04
CA ILE A 35 -9.10 2.42 7.65
C ILE A 35 -8.63 3.84 7.93
N SER A 36 -7.39 3.97 8.40
CA SER A 36 -6.82 5.28 8.70
C SER A 36 -6.69 6.07 7.41
N ALA A 37 -6.69 5.36 6.29
CA ALA A 37 -6.58 5.99 4.98
C ALA A 37 -7.82 6.82 4.69
N LEU A 38 -8.87 6.60 5.48
CA LEU A 38 -10.12 7.33 5.32
C LEU A 38 -9.89 8.82 5.55
N TRP A 39 -8.95 9.12 6.45
CA TRP A 39 -8.62 10.50 6.76
C TRP A 39 -8.06 11.19 5.52
N LYS A 40 -7.57 10.38 4.59
CA LYS A 40 -7.01 10.89 3.34
C LYS A 40 -7.68 10.19 2.17
N LYS A 41 -8.98 9.95 2.29
CA LYS A 41 -9.75 9.28 1.25
C LYS A 41 -9.28 9.70 -0.13
N CYS A 42 -8.72 8.75 -0.86
CA CYS A 42 -8.22 9.01 -2.21
C CYS A 42 -9.28 9.68 -3.05
N CYS A 1 1.34 5.24 -10.57
CA CYS A 1 0.58 4.66 -9.43
C CYS A 1 0.68 3.15 -9.46
N ALA A 2 0.27 2.53 -8.35
CA ALA A 2 0.29 1.08 -8.25
C ALA A 2 -1.07 0.57 -7.79
N LYS A 3 -1.35 -0.70 -8.05
CA LYS A 3 -2.62 -1.30 -7.66
C LYS A 3 -2.42 -2.19 -6.44
N LYS A 4 -3.53 -2.66 -5.88
CA LYS A 4 -3.47 -3.53 -4.70
C LYS A 4 -2.81 -4.84 -5.05
N ARG A 5 -2.17 -5.45 -4.05
CA ARG A 5 -1.49 -6.72 -4.25
C ARG A 5 -0.15 -6.52 -4.96
N ASN A 6 0.23 -5.27 -5.18
CA ASN A 6 1.48 -4.95 -5.84
C ASN A 6 2.60 -4.84 -4.83
N TRP A 7 3.60 -5.70 -4.93
CA TRP A 7 4.72 -5.69 -4.01
C TRP A 7 5.29 -4.28 -3.88
N CYS A 8 5.88 -4.02 -2.72
CA CYS A 8 6.48 -2.72 -2.44
C CYS A 8 8.00 -2.79 -2.56
N GLY A 9 8.62 -1.64 -2.83
CA GLY A 9 10.07 -1.57 -2.97
C GLY A 9 10.54 -0.13 -3.02
N LYS A 10 11.06 0.36 -1.89
CA LYS A 10 11.55 1.73 -1.80
C LYS A 10 10.40 2.71 -1.90
N THR A 11 10.73 3.99 -2.05
CA THR A 11 9.73 5.04 -2.16
C THR A 11 8.96 4.91 -3.48
N GLU A 12 7.73 4.43 -3.39
CA GLU A 12 6.89 4.25 -4.57
C GLU A 12 5.56 4.96 -4.37
N ASP A 13 4.62 4.75 -5.29
CA ASP A 13 3.32 5.39 -5.20
C ASP A 13 2.18 4.42 -5.54
N CYS A 14 1.26 4.24 -4.60
CA CYS A 14 0.11 3.38 -4.82
C CYS A 14 -1.12 4.25 -5.04
N CYS A 15 -2.25 3.64 -5.34
CA CYS A 15 -3.48 4.39 -5.59
C CYS A 15 -4.34 4.42 -4.32
N CYS A 16 -4.31 5.56 -3.63
CA CYS A 16 -5.08 5.73 -2.40
C CYS A 16 -6.46 5.09 -2.53
N PRO A 17 -7.00 4.58 -1.42
CA PRO A 17 -6.33 4.64 -0.11
C PRO A 17 -5.23 3.59 0.01
N MET A 18 -4.91 2.93 -1.09
CA MET A 18 -3.87 1.91 -1.10
C MET A 18 -2.53 2.52 -0.74
N LYS A 19 -1.82 1.87 0.19
CA LYS A 19 -0.51 2.36 0.62
C LYS A 19 0.42 1.19 0.92
N CYS A 20 1.71 1.45 0.85
CA CYS A 20 2.71 0.42 1.11
C CYS A 20 2.46 -0.23 2.46
N VAL A 21 1.94 -1.46 2.43
CA VAL A 21 1.64 -2.19 3.65
C VAL A 21 2.67 -3.31 3.87
N TYR A 22 2.69 -3.85 5.08
CA TYR A 22 3.62 -4.93 5.43
C TYR A 22 2.85 -6.22 5.72
N ALA A 23 3.36 -7.32 5.19
CA ALA A 23 2.73 -8.63 5.39
C ALA A 23 3.35 -9.32 6.60
N TRP A 24 4.18 -10.33 6.36
CA TRP A 24 4.84 -11.07 7.44
C TRP A 24 6.13 -11.69 6.91
N TYR A 25 5.97 -12.74 6.11
CA TYR A 25 7.10 -13.43 5.52
C TYR A 25 7.53 -12.72 4.23
N ASN A 26 6.95 -11.54 4.00
CA ASN A 26 7.26 -10.75 2.82
C ASN A 26 7.43 -9.30 3.20
N GLU A 27 8.63 -8.94 3.64
CA GLU A 27 8.91 -7.56 4.04
C GLU A 27 8.67 -6.61 2.89
N GLN A 28 8.71 -7.12 1.67
CA GLN A 28 8.51 -6.31 0.48
C GLN A 28 7.13 -5.64 0.54
N GLY A 29 6.23 -6.23 1.32
CA GLY A 29 4.88 -5.68 1.47
C GLY A 29 4.25 -5.44 0.11
N SER A 30 3.14 -4.69 0.11
CA SER A 30 2.43 -4.38 -1.14
C SER A 30 1.38 -3.32 -0.88
N CYS A 31 0.94 -2.66 -1.95
CA CYS A 31 -0.07 -1.62 -1.85
C CYS A 31 -1.39 -2.22 -1.37
N GLN A 32 -1.86 -1.76 -0.22
CA GLN A 32 -3.11 -2.26 0.36
C GLN A 32 -3.82 -1.14 1.12
N SER A 33 -5.13 -1.04 0.94
CA SER A 33 -5.92 -0.01 1.61
C SER A 33 -5.75 -0.13 3.12
N THR A 34 -6.09 0.94 3.83
CA THR A 34 -5.97 0.96 5.28
C THR A 34 -7.02 1.88 5.90
N ILE A 35 -7.45 1.56 7.11
CA ILE A 35 -8.46 2.36 7.80
C ILE A 35 -7.95 3.77 8.01
N SER A 36 -6.65 3.89 8.26
CA SER A 36 -6.04 5.20 8.48
C SER A 36 -6.17 6.04 7.22
N ALA A 37 -6.23 5.37 6.07
CA ALA A 37 -6.36 6.05 4.79
C ALA A 37 -7.69 6.78 4.72
N LEU A 38 -8.59 6.45 5.64
CA LEU A 38 -9.91 7.08 5.70
C LEU A 38 -9.75 8.57 5.99
N TRP A 39 -8.76 8.90 6.81
CA TRP A 39 -8.51 10.30 7.15
C TRP A 39 -8.11 11.07 5.90
N LYS A 40 -7.64 10.33 4.89
CA LYS A 40 -7.22 10.91 3.63
C LYS A 40 -7.94 10.19 2.49
N LYS A 41 -9.20 9.87 2.71
CA LYS A 41 -10.02 9.16 1.73
C LYS A 41 -9.63 9.57 0.32
N CYS A 42 -9.14 8.60 -0.45
CA CYS A 42 -8.72 8.84 -1.84
C CYS A 42 -9.85 9.51 -2.62
N CYS A 1 2.56 4.76 -9.71
CA CYS A 1 1.56 4.22 -8.75
C CYS A 1 1.36 2.72 -9.00
N ALA A 2 0.69 2.05 -8.08
CA ALA A 2 0.43 0.62 -8.22
C ALA A 2 -0.98 0.31 -7.74
N LYS A 3 -1.41 -0.93 -7.97
CA LYS A 3 -2.74 -1.36 -7.55
C LYS A 3 -2.64 -2.25 -6.32
N LYS A 4 -3.78 -2.71 -5.82
CA LYS A 4 -3.81 -3.56 -4.65
C LYS A 4 -3.14 -4.89 -4.95
N ARG A 5 -2.44 -5.44 -3.95
CA ARG A 5 -1.75 -6.71 -4.09
C ARG A 5 -0.45 -6.54 -4.88
N ASN A 6 -0.03 -5.29 -5.06
CA ASN A 6 1.19 -4.98 -5.78
C ASN A 6 2.36 -4.80 -4.82
N TRP A 7 3.36 -5.67 -4.93
CA TRP A 7 4.53 -5.61 -4.06
C TRP A 7 5.14 -4.21 -4.10
N CYS A 8 5.74 -3.81 -2.98
CA CYS A 8 6.37 -2.49 -2.87
C CYS A 8 7.83 -2.59 -3.30
N GLY A 9 8.27 -1.65 -4.12
CA GLY A 9 9.65 -1.61 -4.60
C GLY A 9 9.90 -0.41 -5.48
N LYS A 10 9.44 0.76 -5.03
CA LYS A 10 9.63 2.00 -5.78
C LYS A 10 9.09 3.18 -4.98
N THR A 11 9.51 4.38 -5.36
CA THR A 11 9.08 5.60 -4.70
C THR A 11 7.66 5.96 -5.12
N GLU A 12 6.70 5.69 -4.24
CA GLU A 12 5.29 5.99 -4.52
C GLU A 12 4.43 5.59 -3.33
N ASP A 13 3.34 6.33 -3.13
CA ASP A 13 2.43 6.07 -2.03
C ASP A 13 1.21 5.29 -2.55
N CYS A 14 1.45 4.39 -3.48
CA CYS A 14 0.37 3.58 -4.06
C CYS A 14 -0.80 4.48 -4.44
N CYS A 15 -1.86 3.87 -4.94
CA CYS A 15 -3.05 4.60 -5.35
C CYS A 15 -4.07 4.60 -4.22
N CYS A 16 -4.11 5.69 -3.47
CA CYS A 16 -5.03 5.82 -2.35
C CYS A 16 -6.37 5.14 -2.65
N PRO A 17 -7.01 4.60 -1.61
CA PRO A 17 -6.48 4.64 -0.24
C PRO A 17 -5.35 3.63 -0.04
N MET A 18 -4.97 2.95 -1.11
CA MET A 18 -3.91 1.96 -1.08
C MET A 18 -2.61 2.59 -0.62
N LYS A 19 -1.93 1.94 0.31
CA LYS A 19 -0.66 2.43 0.83
C LYS A 19 0.30 1.27 1.08
N CYS A 20 1.58 1.53 0.89
CA CYS A 20 2.60 0.50 1.10
C CYS A 20 2.45 -0.13 2.47
N VAL A 21 1.88 -1.32 2.51
CA VAL A 21 1.66 -2.04 3.77
C VAL A 21 2.61 -3.22 3.88
N TYR A 22 2.70 -3.79 5.09
CA TYR A 22 3.57 -4.93 5.33
C TYR A 22 2.75 -6.20 5.48
N ALA A 23 3.38 -7.35 5.26
CA ALA A 23 2.69 -8.63 5.37
C ALA A 23 3.26 -9.44 6.53
N TRP A 24 4.14 -10.39 6.23
CA TRP A 24 4.75 -11.22 7.27
C TRP A 24 6.09 -11.75 6.78
N TYR A 25 6.03 -12.80 5.96
CA TYR A 25 7.24 -13.41 5.41
C TYR A 25 7.67 -12.68 4.14
N ASN A 26 7.08 -11.51 3.90
CA ASN A 26 7.40 -10.72 2.72
C ASN A 26 7.49 -9.24 3.08
N GLU A 27 8.66 -8.83 3.58
CA GLU A 27 8.88 -7.43 3.96
C GLU A 27 8.65 -6.52 2.77
N GLN A 28 8.65 -7.09 1.57
CA GLN A 28 8.45 -6.31 0.36
C GLN A 28 7.10 -5.59 0.42
N GLY A 29 6.25 -6.03 1.33
CA GLY A 29 4.93 -5.43 1.49
C GLY A 29 4.24 -5.23 0.15
N SER A 30 3.04 -4.67 0.19
CA SER A 30 2.27 -4.41 -1.03
C SER A 30 1.25 -3.31 -0.80
N CYS A 31 0.77 -2.72 -1.89
CA CYS A 31 -0.21 -1.66 -1.83
C CYS A 31 -1.56 -2.20 -1.39
N GLN A 32 -2.04 -1.74 -0.25
CA GLN A 32 -3.32 -2.18 0.28
C GLN A 32 -3.97 -1.08 1.10
N SER A 33 -5.27 -0.88 0.90
CA SER A 33 -6.00 0.15 1.62
C SER A 33 -5.69 0.04 3.12
N THR A 34 -5.91 1.14 3.84
CA THR A 34 -5.65 1.16 5.28
C THR A 34 -6.69 2.01 5.99
N ILE A 35 -6.95 1.69 7.25
CA ILE A 35 -7.92 2.43 8.05
C ILE A 35 -7.48 3.88 8.17
N SER A 36 -6.19 4.10 8.35
CA SER A 36 -5.66 5.45 8.47
C SER A 36 -5.88 6.19 7.16
N ALA A 37 -5.92 5.43 6.07
CA ALA A 37 -6.14 6.00 4.75
C ALA A 37 -7.54 6.61 4.66
N LEU A 38 -8.39 6.24 5.61
CA LEU A 38 -9.75 6.74 5.65
C LEU A 38 -9.74 8.25 5.84
N TRP A 39 -8.77 8.73 6.62
CA TRP A 39 -8.64 10.16 6.87
C TRP A 39 -8.35 10.89 5.56
N LYS A 40 -7.83 10.13 4.59
CA LYS A 40 -7.51 10.68 3.29
C LYS A 40 -8.27 9.92 2.21
N LYS A 41 -9.52 9.58 2.52
CA LYS A 41 -10.37 8.84 1.59
C LYS A 41 -10.07 9.23 0.14
N CYS A 42 -9.46 8.32 -0.59
CA CYS A 42 -9.11 8.56 -1.99
C CYS A 42 -10.36 8.86 -2.81
N CYS A 1 3.55 4.14 -8.79
CA CYS A 1 2.38 3.67 -7.99
C CYS A 1 2.01 2.25 -8.39
N ALA A 2 1.13 1.63 -7.64
CA ALA A 2 0.69 0.27 -7.93
C ALA A 2 -0.76 0.07 -7.50
N LYS A 3 -1.28 -1.13 -7.71
CA LYS A 3 -2.65 -1.45 -7.34
C LYS A 3 -2.67 -2.31 -6.07
N LYS A 4 -3.85 -2.68 -5.64
CA LYS A 4 -4.01 -3.51 -4.44
C LYS A 4 -3.53 -4.93 -4.71
N ARG A 5 -2.90 -5.52 -3.70
CA ARG A 5 -2.38 -6.89 -3.82
C ARG A 5 -1.05 -6.90 -4.56
N ASN A 6 -0.63 -5.74 -5.04
CA ASN A 6 0.63 -5.62 -5.76
C ASN A 6 1.74 -5.20 -4.81
N TRP A 7 2.80 -6.00 -4.74
CA TRP A 7 3.93 -5.70 -3.87
C TRP A 7 4.24 -4.21 -3.92
N CYS A 8 4.91 -3.72 -2.87
CA CYS A 8 5.26 -2.31 -2.80
C CYS A 8 6.29 -1.96 -3.85
N GLY A 9 5.83 -1.79 -5.09
CA GLY A 9 6.71 -1.46 -6.20
C GLY A 9 7.73 -0.40 -5.79
N LYS A 10 8.71 -0.18 -6.64
CA LYS A 10 9.75 0.81 -6.37
C LYS A 10 9.15 2.05 -5.73
N THR A 11 8.26 2.72 -6.45
CA THR A 11 7.60 3.92 -5.95
C THR A 11 6.65 3.55 -4.82
N GLU A 12 7.19 3.40 -3.62
CA GLU A 12 6.40 3.05 -2.45
C GLU A 12 5.02 3.70 -2.52
N ASP A 13 5.01 5.02 -2.72
CA ASP A 13 3.76 5.76 -2.81
C ASP A 13 2.69 4.97 -3.53
N CYS A 14 1.85 4.26 -2.78
CA CYS A 14 0.77 3.47 -3.37
C CYS A 14 -0.31 4.40 -3.90
N CYS A 15 -1.34 3.82 -4.49
CA CYS A 15 -2.43 4.62 -5.04
C CYS A 15 -3.56 4.76 -4.03
N CYS A 16 -3.54 5.86 -3.29
CA CYS A 16 -4.55 6.12 -2.27
C CYS A 16 -5.90 5.56 -2.68
N PRO A 17 -6.69 5.11 -1.69
CA PRO A 17 -6.27 5.14 -0.28
C PRO A 17 -5.26 4.05 0.03
N MET A 18 -4.86 3.31 -1.00
CA MET A 18 -3.89 2.24 -0.85
C MET A 18 -2.58 2.77 -0.29
N LYS A 19 -2.03 2.06 0.68
CA LYS A 19 -0.77 2.45 1.31
C LYS A 19 0.17 1.26 1.42
N CYS A 20 1.47 1.51 1.29
CA CYS A 20 2.45 0.44 1.37
C CYS A 20 2.37 -0.27 2.72
N VAL A 21 1.80 -1.46 2.71
CA VAL A 21 1.65 -2.25 3.93
C VAL A 21 2.67 -3.37 3.96
N TYR A 22 2.84 -3.98 5.14
CA TYR A 22 3.79 -5.07 5.32
C TYR A 22 3.07 -6.40 5.41
N ALA A 23 3.77 -7.48 5.12
CA ALA A 23 3.19 -8.82 5.18
C ALA A 23 3.83 -9.62 6.31
N TRP A 24 4.77 -10.50 5.96
CA TRP A 24 5.45 -11.33 6.96
C TRP A 24 6.79 -11.78 6.43
N TYR A 25 6.77 -12.76 5.53
CA TYR A 25 7.99 -13.28 4.93
C TYR A 25 8.33 -12.49 3.67
N ASN A 26 7.74 -11.31 3.55
CA ASN A 26 7.96 -10.45 2.39
C ASN A 26 7.95 -8.98 2.82
N GLU A 27 9.11 -8.47 3.19
CA GLU A 27 9.23 -7.09 3.61
C GLU A 27 8.76 -6.14 2.52
N GLN A 28 8.83 -6.61 1.27
CA GLN A 28 8.41 -5.80 0.13
C GLN A 28 6.96 -5.37 0.28
N GLY A 29 6.25 -6.04 1.18
CA GLY A 29 4.84 -5.73 1.42
C GLY A 29 4.09 -5.50 0.12
N SER A 30 2.91 -4.90 0.22
CA SER A 30 2.10 -4.61 -0.96
C SER A 30 1.13 -3.47 -0.68
N CYS A 31 0.55 -2.91 -1.73
CA CYS A 31 -0.38 -1.80 -1.60
C CYS A 31 -1.75 -2.33 -1.14
N GLN A 32 -2.20 -1.87 0.02
CA GLN A 32 -3.49 -2.30 0.56
C GLN A 32 -4.24 -1.12 1.18
N SER A 33 -5.53 -1.05 0.90
CA SER A 33 -6.37 0.03 1.43
C SER A 33 -6.45 -0.06 2.95
N THR A 34 -5.81 0.89 3.63
CA THR A 34 -5.80 0.91 5.08
C THR A 34 -6.90 1.83 5.61
N ILE A 35 -7.38 1.52 6.81
CA ILE A 35 -8.44 2.32 7.43
C ILE A 35 -7.95 3.74 7.67
N SER A 36 -6.66 3.87 7.95
CA SER A 36 -6.06 5.17 8.19
C SER A 36 -6.14 6.02 6.93
N ALA A 37 -6.16 5.35 5.78
CA ALA A 37 -6.24 6.01 4.50
C ALA A 37 -7.58 6.73 4.38
N LEU A 38 -8.52 6.38 5.24
CA LEU A 38 -9.84 6.98 5.24
C LEU A 38 -9.73 8.47 5.53
N TRP A 39 -8.79 8.84 6.38
CA TRP A 39 -8.57 10.24 6.73
C TRP A 39 -8.25 11.04 5.48
N LYS A 40 -7.80 10.34 4.45
CA LYS A 40 -7.45 10.96 3.17
C LYS A 40 -8.12 10.20 2.03
N LYS A 41 -9.37 9.81 2.25
CA LYS A 41 -10.13 9.06 1.25
C LYS A 41 -9.76 9.51 -0.16
N CYS A 42 -8.93 8.70 -0.80
CA CYS A 42 -8.48 8.99 -2.16
C CYS A 42 -9.66 9.30 -3.06
N CYS A 1 2.87 4.31 -9.89
CA CYS A 1 1.85 3.86 -8.89
C CYS A 1 1.55 2.39 -9.10
N ALA A 2 0.84 1.79 -8.15
CA ALA A 2 0.47 0.38 -8.23
C ALA A 2 -0.95 0.18 -7.72
N LYS A 3 -1.46 -1.03 -7.88
CA LYS A 3 -2.81 -1.36 -7.43
C LYS A 3 -2.75 -2.18 -6.15
N LYS A 4 -3.91 -2.58 -5.66
CA LYS A 4 -3.99 -3.38 -4.44
C LYS A 4 -3.42 -4.77 -4.68
N ARG A 5 -2.73 -5.30 -3.68
CA ARG A 5 -2.13 -6.63 -3.78
C ARG A 5 -0.87 -6.61 -4.65
N ASN A 6 -0.35 -5.41 -4.89
CA ASN A 6 0.85 -5.25 -5.70
C ASN A 6 2.07 -5.03 -4.82
N TRP A 7 3.02 -5.96 -4.89
CA TRP A 7 4.24 -5.86 -4.10
C TRP A 7 4.74 -4.42 -4.06
N CYS A 8 5.17 -3.97 -2.88
CA CYS A 8 5.67 -2.62 -2.70
C CYS A 8 7.20 -2.62 -2.66
N GLY A 9 7.81 -1.52 -3.08
CA GLY A 9 9.26 -1.40 -3.08
C GLY A 9 9.72 -0.34 -2.08
N LYS A 10 9.57 0.92 -2.46
CA LYS A 10 9.97 2.03 -1.60
C LYS A 10 9.61 3.36 -2.26
N THR A 11 9.77 3.42 -3.57
CA THR A 11 9.45 4.62 -4.33
C THR A 11 8.24 4.39 -5.23
N GLU A 12 7.84 5.42 -5.96
CA GLU A 12 6.70 5.33 -6.86
C GLU A 12 5.41 5.60 -6.09
N ASP A 13 5.29 5.01 -4.91
CA ASP A 13 4.10 5.20 -4.07
C ASP A 13 2.93 4.41 -4.62
N CYS A 14 1.92 4.19 -3.78
CA CYS A 14 0.73 3.46 -4.19
C CYS A 14 -0.38 4.41 -4.56
N CYS A 15 -1.50 3.87 -5.03
CA CYS A 15 -2.63 4.68 -5.44
C CYS A 15 -3.63 4.80 -4.30
N CYS A 16 -3.57 5.91 -3.58
CA CYS A 16 -4.46 6.14 -2.44
C CYS A 16 -5.84 5.56 -2.72
N PRO A 17 -6.52 5.11 -1.66
CA PRO A 17 -5.98 5.16 -0.29
C PRO A 17 -4.97 4.05 -0.03
N MET A 18 -4.62 3.32 -1.09
CA MET A 18 -3.67 2.23 -1.00
C MET A 18 -2.31 2.75 -0.55
N LYS A 19 -1.77 2.14 0.51
CA LYS A 19 -0.48 2.54 1.03
C LYS A 19 0.41 1.31 1.24
N CYS A 20 1.70 1.45 0.97
CA CYS A 20 2.62 0.34 1.14
C CYS A 20 2.44 -0.30 2.51
N VAL A 21 1.89 -1.51 2.51
CA VAL A 21 1.65 -2.24 3.75
C VAL A 21 2.68 -3.34 3.92
N TYR A 22 2.81 -3.84 5.15
CA TYR A 22 3.77 -4.89 5.45
C TYR A 22 3.05 -6.21 5.73
N ALA A 23 3.60 -7.29 5.20
CA ALA A 23 3.01 -8.61 5.40
C ALA A 23 3.73 -9.35 6.53
N TRP A 24 4.55 -10.34 6.19
CA TRP A 24 5.28 -11.10 7.19
C TRP A 24 6.52 -11.74 6.56
N TYR A 25 6.29 -12.73 5.71
CA TYR A 25 7.37 -13.42 5.03
C TYR A 25 7.73 -12.68 3.75
N ASN A 26 7.25 -11.45 3.62
CA ASN A 26 7.52 -10.62 2.45
C ASN A 26 7.65 -9.16 2.87
N GLU A 27 8.86 -8.77 3.23
CA GLU A 27 9.13 -7.40 3.65
C GLU A 27 8.80 -6.42 2.52
N GLN A 28 8.75 -6.93 1.29
CA GLN A 28 8.44 -6.12 0.13
C GLN A 28 7.03 -5.54 0.25
N GLY A 29 6.25 -6.07 1.19
CA GLY A 29 4.88 -5.62 1.40
C GLY A 29 4.14 -5.46 0.09
N SER A 30 3.07 -4.67 0.11
CA SER A 30 2.27 -4.43 -1.09
C SER A 30 1.26 -3.33 -0.86
N CYS A 31 0.83 -2.69 -1.93
CA CYS A 31 -0.14 -1.62 -1.86
C CYS A 31 -1.47 -2.14 -1.35
N GLN A 32 -1.86 -1.69 -0.16
CA GLN A 32 -3.12 -2.11 0.44
C GLN A 32 -3.73 -0.97 1.24
N SER A 33 -5.01 -0.72 1.00
CA SER A 33 -5.71 0.35 1.70
C SER A 33 -5.62 0.15 3.20
N THR A 34 -6.03 1.16 3.96
CA THR A 34 -5.99 1.09 5.41
C THR A 34 -7.10 1.94 6.02
N ILE A 35 -7.49 1.63 7.24
CA ILE A 35 -8.55 2.38 7.93
C ILE A 35 -8.14 3.83 8.09
N SER A 36 -6.85 4.04 8.38
CA SER A 36 -6.32 5.38 8.55
C SER A 36 -6.45 6.15 7.24
N ALA A 37 -6.40 5.40 6.14
CA ALA A 37 -6.52 5.99 4.80
C ALA A 37 -7.89 6.63 4.64
N LEU A 38 -8.82 6.26 5.51
CA LEU A 38 -10.17 6.80 5.47
C LEU A 38 -10.13 8.30 5.71
N TRP A 39 -9.25 8.73 6.60
CA TRP A 39 -9.10 10.14 6.91
C TRP A 39 -8.69 10.91 5.67
N LYS A 40 -8.12 10.17 4.72
CA LYS A 40 -7.68 10.75 3.45
C LYS A 40 -8.19 9.91 2.29
N LYS A 41 -9.42 9.43 2.42
CA LYS A 41 -10.04 8.60 1.39
C LYS A 41 -9.74 9.15 0.01
N CYS A 42 -8.92 8.41 -0.73
CA CYS A 42 -8.53 8.79 -2.09
C CYS A 42 -9.76 9.00 -2.96
N CYS A 1 2.85 4.27 -9.52
CA CYS A 1 1.69 3.84 -8.70
C CYS A 1 1.28 2.43 -9.12
N ALA A 2 0.31 1.84 -8.44
CA ALA A 2 -0.15 0.50 -8.77
C ALA A 2 -1.48 0.21 -8.09
N LYS A 3 -1.89 -1.06 -8.12
CA LYS A 3 -3.14 -1.48 -7.51
C LYS A 3 -2.86 -2.27 -6.23
N LYS A 4 -3.90 -2.87 -5.68
CA LYS A 4 -3.76 -3.67 -4.46
C LYS A 4 -3.06 -4.99 -4.75
N ARG A 5 -2.43 -5.56 -3.74
CA ARG A 5 -1.72 -6.82 -3.89
C ARG A 5 -0.39 -6.62 -4.62
N ASN A 6 -0.08 -5.36 -4.92
CA ASN A 6 1.16 -5.03 -5.63
C ASN A 6 2.29 -4.79 -4.63
N TRP A 7 3.34 -5.61 -4.71
CA TRP A 7 4.47 -5.48 -3.81
C TRP A 7 4.90 -4.03 -3.68
N CYS A 8 5.33 -3.66 -2.48
CA CYS A 8 5.76 -2.29 -2.21
C CYS A 8 7.27 -2.16 -2.40
N GLY A 9 8.03 -2.92 -1.61
CA GLY A 9 9.48 -2.91 -1.69
C GLY A 9 10.01 -1.49 -1.50
N LYS A 10 9.73 -0.90 -0.36
CA LYS A 10 10.18 0.46 -0.06
C LYS A 10 9.55 1.45 -1.03
N THR A 11 9.51 2.72 -0.64
CA THR A 11 8.94 3.77 -1.47
C THR A 11 7.61 3.29 -2.06
N GLU A 12 7.10 4.05 -3.03
CA GLU A 12 5.83 3.72 -3.68
C GLU A 12 4.68 3.84 -2.69
N ASP A 13 3.96 4.94 -2.77
CA ASP A 13 2.83 5.18 -1.89
C ASP A 13 1.59 4.44 -2.37
N CYS A 14 1.63 4.00 -3.62
CA CYS A 14 0.50 3.27 -4.20
C CYS A 14 -0.61 4.24 -4.57
N CYS A 15 -1.69 3.70 -5.11
CA CYS A 15 -2.83 4.50 -5.53
C CYS A 15 -3.84 4.61 -4.40
N CYS A 16 -3.81 5.75 -3.69
CA CYS A 16 -4.71 5.98 -2.56
C CYS A 16 -6.09 5.39 -2.83
N PRO A 17 -6.76 4.95 -1.76
CA PRO A 17 -6.23 5.02 -0.39
C PRO A 17 -5.21 3.92 -0.11
N MET A 18 -4.83 3.19 -1.16
CA MET A 18 -3.87 2.11 -1.03
C MET A 18 -2.58 2.63 -0.39
N LYS A 19 -2.23 2.07 0.76
CA LYS A 19 -1.03 2.48 1.47
C LYS A 19 -0.05 1.31 1.57
N CYS A 20 1.23 1.62 1.48
CA CYS A 20 2.27 0.61 1.56
C CYS A 20 2.15 -0.16 2.88
N VAL A 21 1.65 -1.39 2.80
CA VAL A 21 1.47 -2.22 3.97
C VAL A 21 2.55 -3.30 4.03
N TYR A 22 2.79 -3.83 5.24
CA TYR A 22 3.79 -4.86 5.44
C TYR A 22 3.11 -6.20 5.71
N ALA A 23 3.83 -7.29 5.43
CA ALA A 23 3.29 -8.62 5.66
C ALA A 23 4.19 -9.40 6.62
N TRP A 24 4.99 -10.33 6.11
CA TRP A 24 5.89 -11.12 6.95
C TRP A 24 6.96 -11.78 6.08
N TYR A 25 6.60 -12.91 5.47
CA TYR A 25 7.52 -13.64 4.61
C TYR A 25 7.99 -12.76 3.47
N ASN A 26 7.26 -11.67 3.24
CA ASN A 26 7.58 -10.74 2.19
C ASN A 26 7.60 -9.33 2.75
N GLU A 27 8.74 -8.95 3.31
CA GLU A 27 8.91 -7.62 3.90
C GLU A 27 8.59 -6.53 2.88
N GLN A 28 8.67 -6.89 1.60
CA GLN A 28 8.38 -5.95 0.53
C GLN A 28 6.96 -5.40 0.64
N GLY A 29 6.16 -6.04 1.49
CA GLY A 29 4.79 -5.62 1.70
C GLY A 29 4.06 -5.45 0.38
N SER A 30 2.83 -4.93 0.45
CA SER A 30 2.03 -4.71 -0.74
C SER A 30 1.08 -3.54 -0.51
N CYS A 31 0.56 -2.99 -1.61
CA CYS A 31 -0.36 -1.87 -1.53
C CYS A 31 -1.75 -2.35 -1.13
N GLN A 32 -2.26 -1.82 -0.02
CA GLN A 32 -3.57 -2.20 0.47
C GLN A 32 -4.24 -1.03 1.18
N SER A 33 -5.46 -0.71 0.76
CA SER A 33 -6.22 0.38 1.36
C SER A 33 -6.47 0.11 2.83
N THR A 34 -5.91 0.95 3.70
CA THR A 34 -6.07 0.80 5.13
C THR A 34 -7.15 1.75 5.65
N ILE A 35 -7.69 1.43 6.82
CA ILE A 35 -8.71 2.28 7.43
C ILE A 35 -8.16 3.66 7.72
N SER A 36 -6.87 3.72 8.04
CA SER A 36 -6.21 4.98 8.33
C SER A 36 -6.21 5.84 7.08
N ALA A 37 -6.20 5.18 5.92
CA ALA A 37 -6.21 5.86 4.64
C ALA A 37 -7.50 6.65 4.48
N LEU A 38 -8.49 6.32 5.31
CA LEU A 38 -9.78 6.99 5.28
C LEU A 38 -9.61 8.47 5.59
N TRP A 39 -8.70 8.76 6.51
CA TRP A 39 -8.42 10.14 6.90
C TRP A 39 -7.92 10.92 5.70
N LYS A 40 -7.42 10.20 4.71
CA LYS A 40 -6.91 10.80 3.49
C LYS A 40 -7.61 10.20 2.28
N LYS A 41 -8.92 9.98 2.42
CA LYS A 41 -9.73 9.40 1.36
C LYS A 41 -9.23 9.85 -0.01
N CYS A 42 -8.71 8.90 -0.79
CA CYS A 42 -8.20 9.18 -2.13
C CYS A 42 -9.23 9.99 -2.92
N CYS A 1 1.69 5.01 -10.41
CA CYS A 1 0.88 4.47 -9.27
C CYS A 1 0.89 2.96 -9.30
N ALA A 2 0.42 2.35 -8.22
CA ALA A 2 0.37 0.90 -8.11
C ALA A 2 -1.02 0.47 -7.67
N LYS A 3 -1.36 -0.79 -7.95
CA LYS A 3 -2.67 -1.31 -7.58
C LYS A 3 -2.52 -2.23 -6.37
N LYS A 4 -3.66 -2.68 -5.83
CA LYS A 4 -3.65 -3.57 -4.68
C LYS A 4 -2.99 -4.90 -5.03
N ARG A 5 -2.28 -5.48 -4.06
CA ARG A 5 -1.60 -6.75 -4.27
C ARG A 5 -0.27 -6.55 -4.98
N ASN A 6 0.13 -5.28 -5.12
CA ASN A 6 1.39 -4.96 -5.78
C ASN A 6 2.50 -4.79 -4.76
N TRP A 7 3.52 -5.63 -4.85
CA TRP A 7 4.66 -5.56 -3.93
C TRP A 7 5.18 -4.14 -3.84
N CYS A 8 5.60 -3.73 -2.64
CA CYS A 8 6.13 -2.39 -2.42
C CYS A 8 7.65 -2.44 -2.30
N GLY A 9 8.14 -2.78 -1.11
CA GLY A 9 9.57 -2.86 -0.86
C GLY A 9 10.15 -1.48 -0.60
N LYS A 10 9.98 -0.99 0.62
CA LYS A 10 10.48 0.33 1.00
C LYS A 10 9.76 1.40 0.20
N THR A 11 10.22 2.65 0.32
CA THR A 11 9.61 3.76 -0.40
C THR A 11 8.09 3.66 -0.31
N GLU A 12 7.41 4.46 -1.13
CA GLU A 12 5.95 4.45 -1.15
C GLU A 12 5.45 4.93 -2.51
N ASP A 13 4.33 4.36 -2.96
CA ASP A 13 3.74 4.75 -4.24
C ASP A 13 2.62 3.80 -4.65
N CYS A 14 1.40 4.15 -4.25
CA CYS A 14 0.22 3.35 -4.58
C CYS A 14 -0.97 4.27 -4.84
N CYS A 15 -2.10 3.69 -5.20
CA CYS A 15 -3.30 4.48 -5.49
C CYS A 15 -4.20 4.52 -4.27
N CYS A 16 -4.17 5.64 -3.56
CA CYS A 16 -4.99 5.81 -2.36
C CYS A 16 -6.35 5.18 -2.54
N PRO A 17 -6.95 4.69 -1.45
CA PRO A 17 -6.32 4.75 -0.12
C PRO A 17 -5.24 3.69 0.06
N MET A 18 -4.94 2.98 -1.02
CA MET A 18 -3.91 1.93 -1.00
C MET A 18 -2.58 2.52 -0.57
N LYS A 19 -1.98 1.93 0.46
CA LYS A 19 -0.69 2.39 0.97
C LYS A 19 0.23 1.20 1.18
N CYS A 20 1.53 1.43 0.96
CA CYS A 20 2.52 0.37 1.13
C CYS A 20 2.39 -0.25 2.51
N VAL A 21 1.77 -1.43 2.55
CA VAL A 21 1.55 -2.14 3.81
C VAL A 21 2.53 -3.31 3.94
N TYR A 22 2.62 -3.87 5.13
CA TYR A 22 3.51 -4.99 5.39
C TYR A 22 2.72 -6.28 5.46
N ALA A 23 3.40 -7.40 5.26
CA ALA A 23 2.74 -8.70 5.31
C ALA A 23 3.30 -9.52 6.48
N TRP A 24 4.21 -10.45 6.19
CA TRP A 24 4.81 -11.28 7.22
C TRP A 24 6.17 -11.79 6.76
N TYR A 25 6.17 -12.81 5.93
CA TYR A 25 7.39 -13.38 5.41
C TYR A 25 7.84 -12.63 4.16
N ASN A 26 7.25 -11.47 3.93
CA ASN A 26 7.57 -10.65 2.78
C ASN A 26 7.61 -9.18 3.17
N GLU A 27 8.77 -8.74 3.64
CA GLU A 27 8.94 -7.36 4.06
C GLU A 27 8.65 -6.40 2.91
N GLN A 28 8.72 -6.90 1.69
CA GLN A 28 8.46 -6.10 0.50
C GLN A 28 7.05 -5.52 0.56
N GLY A 29 6.21 -6.12 1.38
CA GLY A 29 4.82 -5.67 1.54
C GLY A 29 4.17 -5.43 0.18
N SER A 30 3.03 -4.76 0.18
CA SER A 30 2.30 -4.46 -1.04
C SER A 30 1.25 -3.39 -0.79
N CYS A 31 0.78 -2.77 -1.86
CA CYS A 31 -0.23 -1.72 -1.77
C CYS A 31 -1.56 -2.33 -1.32
N GLN A 32 -2.02 -1.90 -0.14
CA GLN A 32 -3.28 -2.40 0.41
C GLN A 32 -3.99 -1.28 1.16
N SER A 33 -5.29 -1.16 0.95
CA SER A 33 -6.09 -0.14 1.61
C SER A 33 -5.91 -0.25 3.13
N THR A 34 -6.16 0.85 3.82
CA THR A 34 -6.03 0.88 5.27
C THR A 34 -7.03 1.85 5.88
N ILE A 35 -7.45 1.56 7.11
CA ILE A 35 -8.41 2.42 7.81
C ILE A 35 -7.83 3.80 8.00
N SER A 36 -6.52 3.86 8.21
CA SER A 36 -5.84 5.14 8.40
C SER A 36 -5.96 5.97 7.13
N ALA A 37 -6.06 5.28 6.00
CA ALA A 37 -6.20 5.94 4.70
C ALA A 37 -7.51 6.70 4.63
N LEU A 38 -8.41 6.41 5.57
CA LEU A 38 -9.70 7.06 5.62
C LEU A 38 -9.52 8.56 5.85
N TRP A 39 -8.49 8.90 6.63
CA TRP A 39 -8.21 10.30 6.92
C TRP A 39 -7.86 11.03 5.64
N LYS A 40 -7.44 10.27 4.63
CA LYS A 40 -7.10 10.82 3.33
C LYS A 40 -7.89 10.10 2.24
N LYS A 41 -9.14 9.81 2.54
CA LYS A 41 -10.02 9.11 1.60
C LYS A 41 -9.70 9.52 0.16
N CYS A 42 -9.03 8.62 -0.56
CA CYS A 42 -8.66 8.86 -1.95
C CYS A 42 -9.82 9.48 -2.70
N CYS A 1 2.52 4.81 -9.85
CA CYS A 1 1.56 4.26 -8.86
C CYS A 1 1.39 2.77 -9.08
N ALA A 2 0.75 2.11 -8.11
CA ALA A 2 0.52 0.68 -8.19
C ALA A 2 -0.90 0.36 -7.75
N LYS A 3 -1.33 -0.88 -7.98
CA LYS A 3 -2.68 -1.30 -7.60
C LYS A 3 -2.60 -2.17 -6.36
N LYS A 4 -3.77 -2.62 -5.89
CA LYS A 4 -3.83 -3.48 -4.72
C LYS A 4 -3.29 -4.86 -5.03
N ARG A 5 -2.68 -5.50 -4.04
CA ARG A 5 -2.12 -6.83 -4.21
C ARG A 5 -0.74 -6.76 -4.86
N ASN A 6 -0.36 -5.56 -5.31
CA ASN A 6 0.93 -5.36 -5.96
C ASN A 6 1.99 -5.01 -4.92
N TRP A 7 3.05 -5.80 -4.86
CA TRP A 7 4.13 -5.58 -3.91
C TRP A 7 4.49 -4.10 -3.85
N CYS A 8 5.25 -3.73 -2.82
CA CYS A 8 5.66 -2.34 -2.63
C CYS A 8 7.07 -2.14 -3.18
N GLY A 9 7.32 -0.94 -3.70
CA GLY A 9 8.61 -0.59 -4.27
C GLY A 9 9.02 0.82 -3.89
N LYS A 10 8.90 1.74 -4.84
CA LYS A 10 9.25 3.14 -4.61
C LYS A 10 8.41 4.04 -5.50
N THR A 11 9.02 5.10 -6.04
CA THR A 11 8.31 6.03 -6.91
C THR A 11 6.96 6.39 -6.32
N GLU A 12 6.16 7.14 -7.09
CA GLU A 12 4.84 7.56 -6.64
C GLU A 12 4.19 6.47 -5.78
N ASP A 13 3.90 6.81 -4.53
CA ASP A 13 3.28 5.86 -3.61
C ASP A 13 2.09 5.18 -4.28
N CYS A 14 1.59 4.12 -3.65
CA CYS A 14 0.45 3.40 -4.20
C CYS A 14 -0.68 4.36 -4.54
N CYS A 15 -1.79 3.81 -5.02
CA CYS A 15 -2.93 4.63 -5.40
C CYS A 15 -3.93 4.71 -4.25
N CYS A 16 -3.88 5.82 -3.51
CA CYS A 16 -4.77 6.02 -2.37
C CYS A 16 -6.15 5.46 -2.66
N PRO A 17 -6.83 4.98 -1.61
CA PRO A 17 -6.29 5.01 -0.24
C PRO A 17 -5.25 3.91 -0.02
N MET A 18 -4.93 3.19 -1.09
CA MET A 18 -3.95 2.10 -1.03
C MET A 18 -2.63 2.63 -0.49
N LYS A 19 -2.16 2.05 0.60
CA LYS A 19 -0.89 2.45 1.21
C LYS A 19 0.02 1.24 1.37
N CYS A 20 1.32 1.49 1.38
CA CYS A 20 2.30 0.43 1.53
C CYS A 20 2.06 -0.33 2.82
N VAL A 21 1.63 -1.58 2.70
CA VAL A 21 1.35 -2.42 3.86
C VAL A 21 2.45 -3.47 4.04
N TYR A 22 2.68 -3.87 5.29
CA TYR A 22 3.71 -4.86 5.60
C TYR A 22 3.06 -6.19 5.98
N ALA A 23 3.62 -7.28 5.47
CA ALA A 23 3.09 -8.61 5.77
C ALA A 23 3.91 -9.26 6.89
N TRP A 24 4.76 -10.22 6.54
CA TRP A 24 5.60 -10.90 7.52
C TRP A 24 6.82 -11.46 6.84
N TYR A 25 6.62 -12.53 6.06
CA TYR A 25 7.70 -13.15 5.33
C TYR A 25 7.96 -12.39 4.03
N ASN A 26 7.27 -11.26 3.86
CA ASN A 26 7.41 -10.42 2.68
C ASN A 26 7.55 -8.96 3.08
N GLU A 27 8.77 -8.57 3.44
CA GLU A 27 9.04 -7.19 3.84
C GLU A 27 8.68 -6.24 2.71
N GLN A 28 8.73 -6.73 1.48
CA GLN A 28 8.42 -5.93 0.30
C GLN A 28 7.00 -5.38 0.41
N GLY A 29 6.21 -5.98 1.30
CA GLY A 29 4.83 -5.56 1.50
C GLY A 29 4.11 -5.39 0.18
N SER A 30 2.91 -4.83 0.24
CA SER A 30 2.09 -4.61 -0.95
C SER A 30 1.09 -3.48 -0.71
N CYS A 31 0.60 -2.90 -1.79
CA CYS A 31 -0.36 -1.82 -1.70
C CYS A 31 -1.72 -2.35 -1.30
N GLN A 32 -2.30 -1.80 -0.24
CA GLN A 32 -3.61 -2.25 0.23
C GLN A 32 -4.36 -1.09 0.89
N SER A 33 -5.68 -1.06 0.68
CA SER A 33 -6.52 -0.02 1.25
C SER A 33 -6.58 -0.16 2.76
N THR A 34 -5.86 0.70 3.46
CA THR A 34 -5.82 0.68 4.92
C THR A 34 -6.90 1.59 5.50
N ILE A 35 -7.39 1.25 6.70
CA ILE A 35 -8.41 2.05 7.36
C ILE A 35 -7.87 3.44 7.66
N SER A 36 -6.58 3.50 7.98
CA SER A 36 -5.94 4.78 8.28
C SER A 36 -5.97 5.66 7.04
N ALA A 37 -5.97 5.03 5.87
CA ALA A 37 -6.02 5.75 4.61
C ALA A 37 -7.34 6.51 4.48
N LEU A 38 -8.30 6.14 5.32
CA LEU A 38 -9.60 6.78 5.32
C LEU A 38 -9.46 8.25 5.67
N TRP A 39 -8.53 8.54 6.57
CA TRP A 39 -8.28 9.92 7.00
C TRP A 39 -7.80 10.73 5.81
N LYS A 40 -7.27 10.03 4.81
CA LYS A 40 -6.78 10.67 3.59
C LYS A 40 -7.52 10.12 2.38
N LYS A 41 -8.82 9.88 2.56
CA LYS A 41 -9.66 9.34 1.50
C LYS A 41 -9.20 9.84 0.14
N CYS A 42 -8.75 8.91 -0.70
CA CYS A 42 -8.28 9.23 -2.05
C CYS A 42 -9.36 9.98 -2.82
N CYS A 1 2.20 4.88 -10.21
CA CYS A 1 1.29 4.26 -9.21
C CYS A 1 1.10 2.78 -9.53
N ALA A 2 0.48 2.04 -8.62
CA ALA A 2 0.24 0.62 -8.82
C ALA A 2 -1.16 0.24 -8.36
N LYS A 3 -1.38 -1.05 -8.13
CA LYS A 3 -2.68 -1.53 -7.69
C LYS A 3 -2.54 -2.27 -6.36
N LYS A 4 -3.66 -2.72 -5.82
CA LYS A 4 -3.66 -3.46 -4.55
C LYS A 4 -2.98 -4.81 -4.72
N ARG A 5 -2.37 -5.29 -3.65
CA ARG A 5 -1.67 -6.58 -3.68
C ARG A 5 -0.39 -6.47 -4.50
N ASN A 6 0.06 -5.24 -4.72
CA ASN A 6 1.27 -4.99 -5.48
C ASN A 6 2.47 -4.84 -4.55
N TRP A 7 3.50 -5.63 -4.80
CA TRP A 7 4.71 -5.58 -3.98
C TRP A 7 5.19 -4.14 -3.84
N CYS A 8 5.31 -3.68 -2.60
CA CYS A 8 5.76 -2.32 -2.32
C CYS A 8 7.23 -2.17 -2.68
N GLY A 9 7.63 -0.93 -2.98
CA GLY A 9 9.03 -0.65 -3.34
C GLY A 9 9.37 0.80 -3.07
N LYS A 10 8.80 1.35 -1.99
CA LYS A 10 9.05 2.74 -1.62
C LYS A 10 9.06 3.62 -2.86
N THR A 11 9.78 4.73 -2.78
CA THR A 11 9.88 5.68 -3.89
C THR A 11 8.52 6.30 -4.18
N GLU A 12 7.58 5.47 -4.59
CA GLU A 12 6.22 5.93 -4.90
C GLU A 12 5.22 5.33 -3.91
N ASP A 13 4.34 6.17 -3.40
CA ASP A 13 3.32 5.72 -2.44
C ASP A 13 2.45 4.65 -3.08
N CYS A 14 1.36 5.07 -3.70
CA CYS A 14 0.44 4.14 -4.35
C CYS A 14 -0.86 4.86 -4.72
N CYS A 15 -1.85 4.08 -5.13
CA CYS A 15 -3.13 4.64 -5.54
C CYS A 15 -4.10 4.67 -4.37
N CYS A 16 -4.13 5.79 -3.65
CA CYS A 16 -5.01 5.96 -2.50
C CYS A 16 -6.32 5.24 -2.72
N PRO A 17 -6.91 4.71 -1.64
CA PRO A 17 -6.33 4.81 -0.30
C PRO A 17 -5.25 3.77 -0.05
N MET A 18 -4.82 3.12 -1.13
CA MET A 18 -3.78 2.10 -1.05
C MET A 18 -2.56 2.64 -0.32
N LYS A 19 -2.20 1.98 0.79
CA LYS A 19 -1.05 2.39 1.58
C LYS A 19 -0.09 1.22 1.74
N CYS A 20 1.21 1.51 1.57
CA CYS A 20 2.24 0.48 1.69
C CYS A 20 2.03 -0.32 2.97
N VAL A 21 1.64 -1.58 2.81
CA VAL A 21 1.39 -2.46 3.94
C VAL A 21 2.46 -3.55 4.01
N TYR A 22 2.59 -4.15 5.19
CA TYR A 22 3.58 -5.21 5.41
C TYR A 22 2.88 -6.56 5.51
N ALA A 23 3.60 -7.62 5.19
CA ALA A 23 3.04 -8.97 5.25
C ALA A 23 3.68 -9.75 6.39
N TRP A 24 4.61 -10.66 6.06
CA TRP A 24 5.29 -11.45 7.07
C TRP A 24 6.61 -11.97 6.52
N TYR A 25 6.52 -12.93 5.61
CA TYR A 25 7.69 -13.52 4.99
C TYR A 25 8.11 -12.70 3.78
N ASN A 26 7.60 -11.48 3.68
CA ASN A 26 7.91 -10.58 2.57
C ASN A 26 7.84 -9.14 3.03
N GLU A 27 8.98 -8.61 3.43
CA GLU A 27 9.06 -7.22 3.91
C GLU A 27 8.57 -6.26 2.83
N GLN A 28 8.77 -6.64 1.57
CA GLN A 28 8.36 -5.82 0.44
C GLN A 28 6.87 -5.49 0.55
N GLY A 29 6.15 -6.28 1.33
CA GLY A 29 4.72 -6.08 1.53
C GLY A 29 4.04 -5.72 0.22
N SER A 30 2.85 -5.13 0.33
CA SER A 30 2.09 -4.72 -0.84
C SER A 30 1.12 -3.59 -0.49
N CYS A 31 0.62 -2.91 -1.50
CA CYS A 31 -0.31 -1.81 -1.29
C CYS A 31 -1.69 -2.33 -0.94
N GLN A 32 -2.24 -1.84 0.16
CA GLN A 32 -3.56 -2.26 0.61
C GLN A 32 -4.27 -1.09 1.28
N SER A 33 -5.50 -0.82 0.84
CA SER A 33 -6.28 0.27 1.41
C SER A 33 -6.31 0.16 2.92
N THR A 34 -5.56 1.02 3.60
CA THR A 34 -5.50 1.01 5.05
C THR A 34 -6.58 1.90 5.65
N ILE A 35 -7.03 1.56 6.86
CA ILE A 35 -8.06 2.33 7.53
C ILE A 35 -7.58 3.76 7.76
N SER A 36 -6.29 3.91 8.01
CA SER A 36 -5.71 5.22 8.23
C SER A 36 -5.86 6.07 6.97
N ALA A 37 -5.86 5.39 5.83
CA ALA A 37 -6.01 6.05 4.54
C ALA A 37 -7.37 6.73 4.45
N LEU A 38 -8.28 6.33 5.34
CA LEU A 38 -9.62 6.90 5.37
C LEU A 38 -9.55 8.39 5.67
N TRP A 39 -8.61 8.78 6.52
CA TRP A 39 -8.44 10.19 6.88
C TRP A 39 -8.11 10.99 5.62
N LYS A 40 -7.65 10.30 4.59
CA LYS A 40 -7.31 10.93 3.32
C LYS A 40 -8.02 10.20 2.19
N LYS A 41 -9.27 9.83 2.44
CA LYS A 41 -10.08 9.11 1.45
C LYS A 41 -9.72 9.54 0.03
N CYS A 42 -9.01 8.67 -0.67
CA CYS A 42 -8.58 8.93 -2.04
C CYS A 42 -9.64 9.74 -2.78
N CYS A 1 2.60 4.82 -9.86
CA CYS A 1 1.67 4.33 -8.82
C CYS A 1 1.49 2.82 -8.93
N ALA A 2 0.91 2.24 -7.89
CA ALA A 2 0.68 0.80 -7.86
C ALA A 2 -0.78 0.53 -7.52
N LYS A 3 -1.25 -0.67 -7.85
CA LYS A 3 -2.63 -1.05 -7.57
C LYS A 3 -2.68 -2.00 -6.38
N LYS A 4 -3.87 -2.46 -6.04
CA LYS A 4 -4.05 -3.36 -4.91
C LYS A 4 -3.46 -4.73 -5.23
N ARG A 5 -2.85 -5.36 -4.23
CA ARG A 5 -2.23 -6.67 -4.41
C ARG A 5 -0.88 -6.54 -5.09
N ASN A 6 -0.37 -5.32 -5.17
CA ASN A 6 0.92 -5.05 -5.80
C ASN A 6 1.98 -4.81 -4.76
N TRP A 7 3.00 -5.67 -4.74
CA TRP A 7 4.09 -5.54 -3.78
C TRP A 7 4.63 -4.11 -3.79
N CYS A 8 4.88 -3.57 -2.61
CA CYS A 8 5.39 -2.21 -2.47
C CYS A 8 6.86 -2.24 -2.07
N GLY A 9 7.73 -2.36 -3.06
CA GLY A 9 9.17 -2.40 -2.81
C GLY A 9 9.93 -1.69 -3.92
N LYS A 10 9.68 -0.38 -4.05
CA LYS A 10 10.35 0.42 -5.08
C LYS A 10 9.91 1.87 -4.97
N THR A 11 10.20 2.65 -6.01
CA THR A 11 9.84 4.06 -6.04
C THR A 11 8.34 4.23 -6.25
N GLU A 12 7.86 5.46 -6.06
CA GLU A 12 6.44 5.77 -6.25
C GLU A 12 5.60 5.02 -5.21
N ASP A 13 4.58 5.70 -4.70
CA ASP A 13 3.68 5.10 -3.72
C ASP A 13 2.46 4.51 -4.40
N CYS A 14 1.64 3.80 -3.64
CA CYS A 14 0.44 3.18 -4.17
C CYS A 14 -0.62 4.23 -4.45
N CYS A 15 -1.74 3.79 -5.01
CA CYS A 15 -2.85 4.70 -5.33
C CYS A 15 -3.86 4.72 -4.19
N CYS A 16 -3.86 5.80 -3.43
CA CYS A 16 -4.78 5.95 -2.31
C CYS A 16 -6.15 5.37 -2.66
N PRO A 17 -6.86 4.85 -1.64
CA PRO A 17 -6.38 4.83 -0.26
C PRO A 17 -5.34 3.74 -0.04
N MET A 18 -4.97 3.06 -1.13
CA MET A 18 -4.00 1.98 -1.08
C MET A 18 -2.64 2.51 -0.61
N LYS A 19 -2.06 1.84 0.37
CA LYS A 19 -0.76 2.23 0.90
C LYS A 19 0.11 0.99 1.11
N CYS A 20 1.42 1.19 1.07
CA CYS A 20 2.35 0.07 1.27
C CYS A 20 2.20 -0.49 2.67
N VAL A 21 1.88 -1.78 2.73
CA VAL A 21 1.70 -2.46 4.01
C VAL A 21 2.76 -3.54 4.19
N TYR A 22 3.00 -3.92 5.44
CA TYR A 22 4.02 -4.94 5.74
C TYR A 22 3.34 -6.23 6.19
N ALA A 23 3.79 -7.35 5.62
CA ALA A 23 3.23 -8.65 5.97
C ALA A 23 4.10 -9.32 7.02
N TRP A 24 4.93 -10.28 6.60
CA TRP A 24 5.82 -10.98 7.53
C TRP A 24 7.02 -11.51 6.75
N TYR A 25 6.80 -12.60 6.01
CA TYR A 25 7.85 -13.19 5.21
C TYR A 25 8.02 -12.44 3.90
N ASN A 26 7.27 -11.34 3.76
CA ASN A 26 7.31 -10.51 2.55
C ASN A 26 7.53 -9.05 2.91
N GLU A 27 8.77 -8.71 3.23
CA GLU A 27 9.10 -7.34 3.60
C GLU A 27 8.79 -6.39 2.45
N GLN A 28 8.58 -6.95 1.27
CA GLN A 28 8.26 -6.15 0.09
C GLN A 28 6.90 -5.49 0.24
N GLY A 29 6.17 -5.89 1.27
CA GLY A 29 4.84 -5.33 1.53
C GLY A 29 3.99 -5.33 0.27
N SER A 30 2.78 -4.80 0.39
CA SER A 30 1.85 -4.72 -0.74
C SER A 30 0.89 -3.57 -0.56
N CYS A 31 0.37 -3.06 -1.67
CA CYS A 31 -0.56 -1.95 -1.66
C CYS A 31 -1.96 -2.45 -1.31
N GLN A 32 -2.53 -1.90 -0.23
CA GLN A 32 -3.86 -2.30 0.21
C GLN A 32 -4.55 -1.13 0.91
N SER A 33 -5.86 -1.01 0.68
CA SER A 33 -6.65 0.05 1.28
C SER A 33 -6.64 -0.07 2.81
N THR A 34 -5.87 0.79 3.46
CA THR A 34 -5.76 0.77 4.91
C THR A 34 -6.81 1.69 5.54
N ILE A 35 -7.21 1.37 6.76
CA ILE A 35 -8.21 2.17 7.46
C ILE A 35 -7.67 3.59 7.68
N SER A 36 -6.38 3.69 7.90
CA SER A 36 -5.73 4.98 8.11
C SER A 36 -5.87 5.82 6.85
N ALA A 37 -5.94 5.14 5.71
CA ALA A 37 -6.09 5.80 4.43
C ALA A 37 -7.41 6.56 4.37
N LEU A 38 -8.31 6.22 5.29
CA LEU A 38 -9.61 6.86 5.37
C LEU A 38 -9.44 8.34 5.66
N TRP A 39 -8.47 8.67 6.52
CA TRP A 39 -8.21 10.04 6.89
C TRP A 39 -7.82 10.83 5.65
N LYS A 40 -7.35 10.11 4.64
CA LYS A 40 -6.95 10.72 3.37
C LYS A 40 -7.72 10.07 2.22
N LYS A 41 -9.00 9.80 2.47
CA LYS A 41 -9.87 9.17 1.47
C LYS A 41 -9.48 9.64 0.07
N CYS A 42 -8.95 8.70 -0.72
CA CYS A 42 -8.53 8.99 -2.08
C CYS A 42 -9.70 9.51 -2.90
N CYS A 1 2.23 4.98 -9.92
CA CYS A 1 1.32 4.42 -8.88
C CYS A 1 1.25 2.91 -9.03
N ALA A 2 0.67 2.25 -8.03
CA ALA A 2 0.53 0.80 -8.04
C ALA A 2 -0.88 0.41 -7.64
N LYS A 3 -1.24 -0.85 -7.88
CA LYS A 3 -2.55 -1.35 -7.53
C LYS A 3 -2.48 -2.23 -6.30
N LYS A 4 -3.63 -2.67 -5.80
CA LYS A 4 -3.68 -3.52 -4.62
C LYS A 4 -3.06 -4.88 -4.92
N ARG A 5 -2.39 -5.44 -3.92
CA ARG A 5 -1.75 -6.74 -4.07
C ARG A 5 -0.44 -6.60 -4.84
N ASN A 6 0.00 -5.37 -5.03
CA ASN A 6 1.25 -5.10 -5.74
C ASN A 6 2.42 -5.05 -4.77
N TRP A 7 3.40 -5.92 -4.98
CA TRP A 7 4.57 -5.98 -4.12
C TRP A 7 5.30 -4.64 -4.14
N CYS A 8 5.65 -4.16 -2.95
CA CYS A 8 6.36 -2.89 -2.80
C CYS A 8 7.85 -3.07 -3.05
N GLY A 9 8.19 -3.74 -4.15
CA GLY A 9 9.59 -3.99 -4.48
C GLY A 9 10.45 -2.77 -4.14
N LYS A 10 10.67 -1.92 -5.13
CA LYS A 10 11.47 -0.71 -4.94
C LYS A 10 10.67 0.52 -5.35
N THR A 11 9.52 0.71 -4.71
CA THR A 11 8.66 1.85 -5.01
C THR A 11 8.03 2.38 -3.73
N GLU A 12 7.81 3.69 -3.68
CA GLU A 12 7.21 4.33 -2.51
C GLU A 12 6.00 5.16 -2.91
N ASP A 13 4.95 4.50 -3.39
CA ASP A 13 3.74 5.20 -3.80
C ASP A 13 2.69 4.24 -4.34
N CYS A 14 1.49 4.32 -3.79
CA CYS A 14 0.37 3.49 -4.23
C CYS A 14 -0.82 4.37 -4.57
N CYS A 15 -1.91 3.77 -5.02
CA CYS A 15 -3.10 4.53 -5.38
C CYS A 15 -4.07 4.58 -4.21
N CYS A 16 -4.04 5.70 -3.49
CA CYS A 16 -4.91 5.89 -2.33
C CYS A 16 -6.29 5.28 -2.58
N PRO A 17 -6.93 4.78 -1.51
CA PRO A 17 -6.36 4.83 -0.16
C PRO A 17 -5.28 3.78 0.04
N MET A 18 -4.95 3.07 -1.04
CA MET A 18 -3.93 2.03 -0.99
C MET A 18 -2.62 2.61 -0.49
N LYS A 19 -2.03 1.96 0.51
CA LYS A 19 -0.76 2.41 1.07
C LYS A 19 0.19 1.24 1.23
N CYS A 20 1.45 1.45 0.87
CA CYS A 20 2.46 0.41 0.97
C CYS A 20 2.45 -0.18 2.37
N VAL A 21 1.88 -1.37 2.51
CA VAL A 21 1.79 -2.04 3.80
C VAL A 21 2.81 -3.17 3.88
N TYR A 22 3.03 -3.68 5.09
CA TYR A 22 3.97 -4.77 5.32
C TYR A 22 3.24 -6.05 5.65
N ALA A 23 3.91 -7.18 5.49
CA ALA A 23 3.32 -8.48 5.78
C ALA A 23 4.17 -9.22 6.82
N TRP A 24 4.92 -10.23 6.38
CA TRP A 24 5.77 -11.01 7.28
C TRP A 24 6.76 -11.84 6.48
N TYR A 25 6.24 -12.87 5.82
CA TYR A 25 7.08 -13.74 4.99
C TYR A 25 7.56 -12.99 3.75
N ASN A 26 7.05 -11.78 3.56
CA ASN A 26 7.42 -10.97 2.41
C ASN A 26 7.52 -9.51 2.85
N GLU A 27 8.71 -9.12 3.31
CA GLU A 27 8.94 -7.75 3.77
C GLU A 27 8.65 -6.77 2.66
N GLN A 28 8.60 -7.25 1.42
CA GLN A 28 8.35 -6.40 0.27
C GLN A 28 6.95 -5.78 0.37
N GLY A 29 6.14 -6.28 1.31
CA GLY A 29 4.79 -5.77 1.51
C GLY A 29 4.11 -5.53 0.17
N SER A 30 2.98 -4.82 0.21
CA SER A 30 2.22 -4.52 -1.01
C SER A 30 1.20 -3.41 -0.74
N CYS A 31 0.74 -2.78 -1.81
CA CYS A 31 -0.24 -1.70 -1.69
C CYS A 31 -1.58 -2.25 -1.23
N GLN A 32 -2.04 -1.78 -0.07
CA GLN A 32 -3.31 -2.22 0.49
C GLN A 32 -3.98 -1.08 1.24
N SER A 33 -5.27 -0.89 0.99
CA SER A 33 -6.04 0.16 1.65
C SER A 33 -5.89 0.04 3.16
N THR A 34 -6.28 1.11 3.87
CA THR A 34 -6.20 1.12 5.33
C THR A 34 -7.28 2.02 5.91
N ILE A 35 -7.71 1.71 7.13
CA ILE A 35 -8.74 2.48 7.81
C ILE A 35 -8.27 3.92 8.00
N SER A 36 -6.99 4.09 8.32
CA SER A 36 -6.43 5.40 8.52
C SER A 36 -6.49 6.19 7.22
N ALA A 37 -6.53 5.46 6.11
CA ALA A 37 -6.60 6.07 4.79
C ALA A 37 -7.92 6.81 4.63
N LEU A 38 -8.86 6.52 5.51
CA LEU A 38 -10.16 7.17 5.49
C LEU A 38 -10.01 8.67 5.72
N TRP A 39 -9.07 9.03 6.59
CA TRP A 39 -8.80 10.44 6.89
C TRP A 39 -8.32 11.15 5.63
N LYS A 40 -7.81 10.37 4.69
CA LYS A 40 -7.32 10.90 3.42
C LYS A 40 -7.99 10.16 2.27
N LYS A 41 -9.27 9.85 2.45
CA LYS A 41 -10.04 9.15 1.44
C LYS A 41 -9.63 9.59 0.03
N CYS A 42 -9.09 8.65 -0.73
CA CYS A 42 -8.64 8.92 -2.10
C CYS A 42 -9.79 9.49 -2.92
#